data_3A3I
#
_entry.id   3A3I
#
_cell.length_a   64.449
_cell.length_b   92.343
_cell.length_c   104.409
_cell.angle_alpha   90.00
_cell.angle_beta   107.66
_cell.angle_gamma   90.00
#
_symmetry.space_group_name_H-M   'P 1 21 1'
#
loop_
_entity.id
_entity.type
_entity.pdbx_description
1 polymer 'Penicillin-binding protein 4'
2 non-polymer '(2R,4S)-2-[(1R)-1-{[(2R)-2-amino-2-phenylacetyl]amino}-2-oxoethyl]-5,5-dimethyl-1,3-thiazolidine-4-carboxylic acid'
3 water water
#
_entity_poly.entity_id   1
_entity_poly.type   'polypeptide(L)'
_entity_poly.pdbx_seq_one_letter_code
;MINVSDLTQKLPEGSNAGVIAKNINQNQIIADYNGSTFMLPASTQKVFTAVAAKLALGDQFQFETALLSNGKIQNGNLDG
NLIVSFTGDPDLTRGQLYSLLAELKKQGIKKINGDLVLDTSVFSSHDRGLGWIWNDLTMCFNSPPAAANIDNNCFYAELD
ANKNPGEIVKINVPAQFPIQVFGQVYVADSNEAPYCQLDVVVHDNNRYQVKGCLARQYKPFGLSFAVQNTDAYAAAIIQR
QLRKLGIEFNGKVLLPQKPQQGQLLAKHLSKPLPDLLKKMMKKSDNQIADSLFRAVAFNYYKRPASFQLGTLAVKSILQK
QGIRFGNSILADGSGLSRHNLVAPKTMLSVLEYIAKNEDKLHLMETFPIAGVDGTISGRGGLISPPLVKNVIAKTGSLKG
VYNLAGFMTNARGEKVAFVQFINGYSTGDLESKTKRAPLVQFERNLYNELYKY
;
_entity_poly.pdbx_strand_id   A,B
#
loop_
_chem_comp.id
_chem_comp.type
_chem_comp.name
_chem_comp.formula
AIX non-polymer '(2R,4S)-2-[(1R)-1-{[(2R)-2-amino-2-phenylacetyl]amino}-2-oxoethyl]-5,5-dimethyl-1,3-thiazolidine-4-carboxylic acid' 'C16 H21 N3 O4 S'
#
# COMPACT_ATOMS: atom_id res chain seq x y z
N MET A 1 -20.21 9.50 32.19
CA MET A 1 -19.89 8.59 31.06
C MET A 1 -19.05 7.44 31.48
N ILE A 2 -19.00 6.47 30.59
CA ILE A 2 -18.31 5.23 30.85
C ILE A 2 -16.82 5.60 30.85
N ASN A 3 -16.08 4.95 31.74
CA ASN A 3 -14.67 5.17 31.85
C ASN A 3 -13.96 4.29 30.83
N VAL A 4 -13.96 4.73 29.58
CA VAL A 4 -13.37 3.86 28.53
C VAL A 4 -11.89 3.73 28.71
N SER A 5 -11.30 4.81 29.15
CA SER A 5 -9.91 4.78 29.42
C SER A 5 -9.52 3.61 30.35
N ASP A 6 -10.22 3.38 31.46
CA ASP A 6 -9.81 2.13 32.20
C ASP A 6 -10.02 0.86 31.38
N LEU A 7 -11.10 0.78 30.60
CA LEU A 7 -11.30 -0.45 29.87
C LEU A 7 -10.18 -0.67 28.86
N THR A 8 -9.68 0.38 28.21
CA THR A 8 -8.47 0.10 27.32
C THR A 8 -7.20 -0.52 27.92
N GLN A 9 -7.05 -0.46 29.25
CA GLN A 9 -5.99 -1.19 29.90
C GLN A 9 -5.97 -2.64 29.54
N LYS A 10 -7.08 -3.25 29.13
CA LYS A 10 -6.98 -4.66 28.80
C LYS A 10 -6.48 -4.85 27.37
N LEU A 11 -6.39 -3.78 26.57
CA LEU A 11 -5.99 -3.89 25.16
C LEU A 11 -4.42 -3.95 25.15
N PRO A 12 -3.77 -4.53 24.13
CA PRO A 12 -2.29 -4.56 24.16
C PRO A 12 -1.70 -3.21 24.33
N GLU A 13 -0.59 -3.15 25.04
CA GLU A 13 0.14 -1.91 25.09
C GLU A 13 0.39 -1.30 23.71
N GLY A 14 0.26 0.02 23.58
CA GLY A 14 0.47 0.67 22.26
C GLY A 14 -0.78 0.96 21.44
N SER A 15 -1.88 0.27 21.72
CA SER A 15 -3.04 0.38 20.85
C SER A 15 -3.75 1.65 21.20
N ASN A 16 -4.57 2.16 20.30
CA ASN A 16 -5.34 3.30 20.62
C ASN A 16 -6.80 2.96 20.24
N ALA A 17 -7.76 3.49 21.01
CA ALA A 17 -9.20 3.25 20.87
C ALA A 17 -9.94 4.55 20.77
N GLY A 18 -10.86 4.59 19.85
CA GLY A 18 -11.76 5.70 19.64
C GLY A 18 -13.14 5.07 19.90
N VAL A 19 -13.82 5.47 20.97
CA VAL A 19 -15.11 4.85 21.26
C VAL A 19 -16.19 5.92 21.47
N ILE A 20 -17.34 5.83 20.85
CA ILE A 20 -18.36 6.77 21.20
C ILE A 20 -19.73 6.08 21.14
N ALA A 21 -20.65 6.45 22.02
CA ALA A 21 -21.95 5.75 22.00
C ALA A 21 -23.00 6.70 22.39
N LYS A 22 -24.19 6.50 21.84
CA LYS A 22 -25.27 7.32 22.23
C LYS A 22 -26.52 6.52 22.57
N ASN A 23 -27.19 6.92 23.64
CA ASN A 23 -28.54 6.35 23.96
C ASN A 23 -29.55 7.10 23.15
N ILE A 24 -30.07 6.48 22.11
CA ILE A 24 -30.94 7.17 21.20
C ILE A 24 -32.23 7.60 21.89
N ASN A 25 -32.76 6.78 22.79
CA ASN A 25 -34.07 7.14 23.44
C ASN A 25 -33.93 8.39 24.27
N GLN A 26 -32.79 8.54 24.94
CA GLN A 26 -32.59 9.71 25.80
C GLN A 26 -31.90 10.79 25.03
N ASN A 27 -31.41 10.46 23.83
CA ASN A 27 -30.47 11.36 23.16
C ASN A 27 -29.31 11.75 24.06
N GLN A 28 -28.64 10.81 24.74
CA GLN A 28 -27.48 11.15 25.56
C GLN A 28 -26.23 10.37 25.07
N ILE A 29 -25.13 11.10 24.92
CA ILE A 29 -23.90 10.49 24.65
C ILE A 29 -23.46 9.83 25.96
N ILE A 30 -23.23 8.54 25.98
CA ILE A 30 -22.79 7.88 27.22
C ILE A 30 -21.36 7.40 27.23
N ALA A 31 -20.66 7.50 26.12
CA ALA A 31 -19.20 7.17 26.13
C ALA A 31 -18.62 8.04 25.05
N ASP A 32 -17.42 8.58 25.27
CA ASP A 32 -16.85 9.53 24.33
C ASP A 32 -15.40 9.59 24.69
N TYR A 33 -14.65 8.69 24.06
CA TYR A 33 -13.21 8.60 24.30
C TYR A 33 -12.51 8.66 22.91
N ASN A 34 -11.68 9.67 22.69
CA ASN A 34 -11.10 9.91 21.33
C ASN A 34 -12.18 9.99 20.22
N GLY A 35 -13.37 10.45 20.60
CA GLY A 35 -14.50 10.42 19.67
C GLY A 35 -14.27 11.35 18.50
N SER A 36 -13.35 12.33 18.60
CA SER A 36 -13.11 13.23 17.47
C SER A 36 -11.83 12.93 16.76
N THR A 37 -11.12 11.89 17.15
CA THR A 37 -9.82 11.60 16.56
C THR A 37 -10.01 10.82 15.25
N PHE A 38 -9.37 11.26 14.15
CA PHE A 38 -9.45 10.50 12.87
C PHE A 38 -8.79 9.14 13.03
N MET A 39 -9.43 8.04 12.62
CA MET A 39 -8.77 6.72 12.69
C MET A 39 -9.09 5.91 11.43
N LEU A 40 -8.52 4.71 11.29
CA LEU A 40 -8.77 3.84 10.13
C LEU A 40 -10.09 3.09 10.47
N PRO A 41 -11.15 3.33 9.71
CA PRO A 41 -12.43 2.63 9.99
C PRO A 41 -12.52 1.16 9.47
N ALA A 42 -11.65 0.84 8.54
CA ALA A 42 -11.58 -0.44 7.83
C ALA A 42 -13.00 -0.67 7.30
N SER A 43 -13.48 -1.90 7.32
CA SER A 43 -14.78 -2.18 6.64
C SER A 43 -16.01 -1.60 7.31
N THR A 44 -15.91 -0.94 8.48
CA THR A 44 -17.09 -0.20 8.96
C THR A 44 -17.39 0.91 8.00
N GLN A 45 -16.41 1.28 7.18
CA GLN A 45 -16.66 2.33 6.16
C GLN A 45 -17.84 1.93 5.25
N LYS A 46 -18.08 0.65 5.12
CA LYS A 46 -19.14 0.17 4.22
C LYS A 46 -20.53 0.65 4.67
N VAL A 47 -20.66 1.04 5.94
CA VAL A 47 -21.89 1.68 6.38
C VAL A 47 -22.22 2.95 5.55
N PHE A 48 -21.22 3.74 5.20
CA PHE A 48 -21.45 4.97 4.43
C PHE A 48 -21.99 4.62 3.07
N THR A 49 -21.41 3.56 2.53
CA THR A 49 -21.72 3.13 1.14
C THR A 49 -23.12 2.54 1.11
N ALA A 50 -23.51 1.81 2.15
CA ALA A 50 -24.86 1.26 2.16
C ALA A 50 -25.91 2.37 2.07
N VAL A 51 -25.69 3.44 2.86
CA VAL A 51 -26.64 4.53 2.91
C VAL A 51 -26.61 5.29 1.59
N ALA A 52 -25.46 5.60 1.07
CA ALA A 52 -25.45 6.34 -0.20
C ALA A 52 -26.11 5.48 -1.31
N ALA A 53 -25.92 4.15 -1.26
CA ALA A 53 -26.47 3.29 -2.30
C ALA A 53 -28.03 3.26 -2.18
N LYS A 54 -28.53 3.09 -0.98
CA LYS A 54 -30.01 3.15 -0.78
C LYS A 54 -30.58 4.43 -1.34
N LEU A 55 -29.93 5.57 -1.07
CA LEU A 55 -30.50 6.92 -1.46
C LEU A 55 -30.37 7.19 -2.95
N ALA A 56 -29.21 6.88 -3.52
CA ALA A 56 -29.01 7.27 -4.90
C ALA A 56 -29.32 6.16 -5.89
N LEU A 57 -29.20 4.87 -5.51
CA LEU A 57 -29.51 3.77 -6.42
C LEU A 57 -30.92 3.16 -6.15
N GLY A 58 -31.28 2.92 -4.90
CA GLY A 58 -32.66 2.51 -4.63
C GLY A 58 -32.83 0.98 -4.71
N ASP A 59 -33.94 0.49 -4.17
CA ASP A 59 -34.09 -0.95 -3.95
C ASP A 59 -34.25 -1.73 -5.23
N GLN A 60 -34.58 -1.04 -6.32
CA GLN A 60 -34.73 -1.72 -7.61
C GLN A 60 -33.42 -1.78 -8.42
N PHE A 61 -32.36 -1.15 -7.92
CA PHE A 61 -31.12 -1.12 -8.67
C PHE A 61 -30.61 -2.57 -8.89
N GLN A 62 -30.21 -2.88 -10.11
CA GLN A 62 -29.47 -4.12 -10.38
C GLN A 62 -28.30 -3.83 -11.33
N PHE A 63 -27.17 -4.54 -11.15
CA PHE A 63 -26.12 -4.44 -12.15
C PHE A 63 -26.50 -5.15 -13.46
N GLU A 64 -26.14 -4.56 -14.61
CA GLU A 64 -26.43 -5.11 -15.91
C GLU A 64 -25.20 -5.60 -16.67
N THR A 65 -25.27 -6.81 -17.18
CA THR A 65 -24.20 -7.34 -18.01
C THR A 65 -24.87 -7.70 -19.33
N ALA A 66 -24.41 -7.14 -20.43
CA ALA A 66 -25.26 -7.20 -21.62
C ALA A 66 -24.54 -7.56 -22.87
N LEU A 67 -25.31 -8.07 -23.83
CA LEU A 67 -24.75 -8.47 -25.13
C LEU A 67 -25.43 -7.58 -26.18
N LEU A 68 -24.61 -7.00 -27.07
CA LEU A 68 -25.11 -6.07 -28.06
C LEU A 68 -24.37 -6.35 -29.34
N SER A 69 -24.95 -5.92 -30.46
CA SER A 69 -24.26 -5.92 -31.74
C SER A 69 -24.74 -4.85 -32.67
N ASN A 70 -23.90 -4.52 -33.64
CA ASN A 70 -24.43 -3.82 -34.85
C ASN A 70 -24.70 -4.62 -36.09
N GLY A 71 -24.09 -5.77 -36.26
CA GLY A 71 -24.46 -6.56 -37.45
C GLY A 71 -25.91 -6.97 -37.28
N LYS A 72 -26.48 -7.57 -38.31
CA LYS A 72 -27.79 -8.20 -38.22
C LYS A 72 -27.45 -9.69 -38.18
N ILE A 73 -28.39 -10.51 -37.72
CA ILE A 73 -28.20 -11.95 -37.72
C ILE A 73 -28.76 -12.42 -39.05
N GLN A 74 -27.95 -13.05 -39.89
CA GLN A 74 -28.49 -13.73 -41.07
C GLN A 74 -27.90 -15.07 -41.32
N ASN A 75 -28.79 -16.00 -41.60
CA ASN A 75 -28.45 -17.38 -41.87
C ASN A 75 -27.53 -18.02 -40.86
N GLY A 76 -27.85 -17.79 -39.58
CA GLY A 76 -27.05 -18.35 -38.50
C GLY A 76 -25.80 -17.53 -38.19
N ASN A 77 -25.64 -16.38 -38.87
CA ASN A 77 -24.47 -15.53 -38.67
C ASN A 77 -24.75 -14.21 -38.02
N LEU A 78 -23.96 -13.88 -36.98
CA LEU A 78 -24.00 -12.52 -36.49
C LEU A 78 -23.04 -11.75 -37.37
N ASP A 79 -23.59 -10.85 -38.18
CA ASP A 79 -22.78 -10.14 -39.16
C ASP A 79 -22.16 -8.82 -38.65
N GLY A 80 -21.32 -8.91 -37.61
CA GLY A 80 -20.64 -7.76 -37.07
C GLY A 80 -20.00 -8.21 -35.77
N ASN A 81 -19.77 -7.25 -34.90
CA ASN A 81 -19.17 -7.52 -33.60
C ASN A 81 -20.12 -7.98 -32.50
N LEU A 82 -19.61 -8.81 -31.59
CA LEU A 82 -20.33 -9.12 -30.37
C LEU A 82 -19.75 -8.12 -29.34
N ILE A 83 -20.62 -7.26 -28.82
CA ILE A 83 -20.24 -6.38 -27.76
C ILE A 83 -20.73 -6.97 -26.45
N VAL A 84 -19.84 -7.13 -25.48
CA VAL A 84 -20.22 -7.59 -24.14
C VAL A 84 -19.92 -6.43 -23.19
N SER A 85 -20.97 -5.93 -22.59
CA SER A 85 -20.98 -4.75 -21.71
C SER A 85 -20.95 -5.17 -20.23
N PHE A 86 -19.91 -4.78 -19.49
CA PHE A 86 -19.80 -5.14 -18.06
C PHE A 86 -19.92 -3.83 -17.30
N THR A 87 -20.68 -3.87 -16.22
CA THR A 87 -20.90 -2.62 -15.44
C THR A 87 -20.50 -2.76 -13.95
N GLY A 88 -19.72 -3.77 -13.60
CA GLY A 88 -19.23 -3.81 -12.22
C GLY A 88 -19.90 -4.85 -11.34
N ASP A 89 -20.81 -5.63 -11.93
CA ASP A 89 -21.49 -6.71 -11.14
C ASP A 89 -20.50 -7.52 -10.31
N PRO A 90 -20.61 -7.43 -8.96
CA PRO A 90 -19.63 -8.07 -8.14
C PRO A 90 -20.10 -9.48 -7.78
N ASP A 91 -21.14 -10.00 -8.42
CA ASP A 91 -21.68 -11.27 -7.97
C ASP A 91 -22.03 -11.99 -9.26
N LEU A 92 -21.26 -11.78 -10.33
CA LEU A 92 -21.44 -12.44 -11.62
C LEU A 92 -20.60 -13.74 -11.66
N THR A 93 -21.24 -14.86 -11.95
CA THR A 93 -20.48 -16.11 -11.96
C THR A 93 -20.20 -16.52 -13.40
N ARG A 94 -19.26 -17.41 -13.58
CA ARG A 94 -19.05 -17.83 -14.93
C ARG A 94 -20.20 -18.65 -15.48
N GLY A 95 -20.94 -19.38 -14.64
CA GLY A 95 -22.19 -20.04 -15.10
C GLY A 95 -23.25 -19.08 -15.55
N GLN A 96 -23.37 -17.92 -14.86
CA GLN A 96 -24.29 -16.88 -15.31
C GLN A 96 -23.87 -16.26 -16.61
N LEU A 97 -22.56 -16.04 -16.77
CA LEU A 97 -22.10 -15.49 -18.08
C LEU A 97 -22.32 -16.50 -19.18
N TYR A 98 -22.10 -17.75 -18.91
CA TYR A 98 -22.31 -18.82 -19.87
C TYR A 98 -23.78 -18.87 -20.33
N SER A 99 -24.72 -18.75 -19.38
CA SER A 99 -26.14 -18.77 -19.75
C SER A 99 -26.52 -17.54 -20.50
N LEU A 100 -25.87 -16.42 -20.20
CA LEU A 100 -26.12 -15.23 -20.98
C LEU A 100 -25.67 -15.41 -22.48
N LEU A 101 -24.45 -15.88 -22.69
CA LEU A 101 -23.92 -16.14 -24.03
C LEU A 101 -24.77 -17.21 -24.78
N ALA A 102 -25.27 -18.20 -24.03
CA ALA A 102 -26.21 -19.22 -24.61
C ALA A 102 -27.42 -18.61 -25.34
N GLU A 103 -27.87 -17.48 -24.86
CA GLU A 103 -28.94 -16.79 -25.47
C GLU A 103 -28.62 -16.44 -26.96
N LEU A 104 -27.37 -16.24 -27.29
CA LEU A 104 -27.06 -16.01 -28.69
C LEU A 104 -27.53 -17.23 -29.52
N LYS A 105 -27.28 -18.40 -28.98
CA LYS A 105 -27.48 -19.60 -29.71
C LYS A 105 -29.01 -19.89 -29.78
N LYS A 106 -29.82 -19.28 -28.90
CA LYS A 106 -31.28 -19.32 -28.98
C LYS A 106 -31.76 -18.26 -29.91
N GLN A 107 -30.95 -17.29 -30.25
CA GLN A 107 -31.48 -16.39 -31.23
C GLN A 107 -31.01 -16.88 -32.60
N GLY A 108 -30.52 -18.12 -32.67
CA GLY A 108 -30.06 -18.66 -33.96
C GLY A 108 -28.64 -18.32 -34.40
N ILE A 109 -27.86 -17.58 -33.59
CA ILE A 109 -26.49 -17.25 -34.02
C ILE A 109 -25.60 -18.47 -33.87
N LYS A 110 -24.90 -18.89 -34.92
CA LYS A 110 -23.96 -19.97 -34.66
C LYS A 110 -22.57 -19.61 -35.16
N LYS A 111 -22.45 -18.42 -35.68
CA LYS A 111 -21.13 -17.92 -36.04
C LYS A 111 -21.13 -16.42 -35.82
N ILE A 112 -20.02 -15.86 -35.32
CA ILE A 112 -19.87 -14.42 -35.19
C ILE A 112 -18.81 -14.07 -36.21
N ASN A 113 -19.13 -13.15 -37.12
CA ASN A 113 -18.28 -12.81 -38.24
C ASN A 113 -17.25 -11.75 -37.87
N GLY A 114 -17.45 -10.99 -36.81
CA GLY A 114 -16.47 -9.98 -36.53
C GLY A 114 -15.64 -10.23 -35.29
N ASP A 115 -15.45 -9.11 -34.55
CA ASP A 115 -14.61 -9.05 -33.39
C ASP A 115 -15.44 -9.13 -32.06
N LEU A 116 -14.74 -9.40 -30.95
CA LEU A 116 -15.30 -9.37 -29.63
C LEU A 116 -14.86 -8.04 -29.05
N VAL A 117 -15.82 -7.23 -28.62
CA VAL A 117 -15.61 -5.89 -28.15
C VAL A 117 -16.17 -5.83 -26.71
N LEU A 118 -15.29 -5.58 -25.74
CA LEU A 118 -15.73 -5.34 -24.36
C LEU A 118 -16.02 -3.84 -24.10
N ASP A 119 -17.14 -3.51 -23.48
CA ASP A 119 -17.44 -2.13 -23.10
C ASP A 119 -17.39 -2.13 -21.57
N THR A 120 -16.35 -1.55 -21.01
CA THR A 120 -16.25 -1.37 -19.55
C THR A 120 -16.24 0.12 -19.18
N SER A 121 -16.84 0.96 -20.03
CA SER A 121 -16.74 2.42 -19.92
C SER A 121 -17.41 3.03 -18.69
N VAL A 122 -18.32 2.31 -17.97
CA VAL A 122 -18.96 2.93 -16.82
C VAL A 122 -17.98 3.27 -15.67
N PHE A 123 -16.84 2.58 -15.63
CA PHE A 123 -15.87 2.87 -14.56
C PHE A 123 -14.61 3.45 -15.24
N SER A 124 -13.87 4.33 -14.57
CA SER A 124 -12.64 4.87 -15.24
C SER A 124 -11.54 5.03 -14.20
N SER A 125 -10.32 5.30 -14.67
CA SER A 125 -9.10 5.40 -13.85
C SER A 125 -8.87 4.02 -13.24
N HIS A 126 -8.14 3.95 -12.13
CA HIS A 126 -7.70 2.58 -11.66
C HIS A 126 -8.93 1.84 -11.11
N ASP A 127 -8.84 0.52 -11.11
CA ASP A 127 -9.74 -0.34 -10.32
C ASP A 127 -9.27 -0.60 -8.90
N ARG A 128 -8.34 0.22 -8.38
CA ARG A 128 -7.86 0.07 -6.98
C ARG A 128 -7.95 1.42 -6.31
N GLY A 129 -8.28 1.43 -5.01
CA GLY A 129 -8.27 2.68 -4.24
C GLY A 129 -6.81 3.11 -3.99
N LEU A 130 -6.63 4.41 -3.89
CA LEU A 130 -5.34 4.97 -3.54
C LEU A 130 -5.15 4.67 -2.04
N GLY A 131 -3.94 4.31 -1.67
CA GLY A 131 -3.60 4.04 -0.27
C GLY A 131 -3.80 2.55 0.03
N TRP A 132 -4.21 1.74 -0.96
CA TRP A 132 -4.21 0.26 -0.77
C TRP A 132 -2.77 -0.27 -0.75
N ILE A 133 -2.55 -1.35 -0.05
CA ILE A 133 -1.20 -1.82 0.19
C ILE A 133 -0.81 -2.76 -0.94
N TRP A 134 0.43 -2.66 -1.48
CA TRP A 134 0.70 -3.30 -2.75
C TRP A 134 0.71 -4.80 -2.54
N ASN A 135 1.20 -5.27 -1.38
CA ASN A 135 1.41 -6.72 -1.32
C ASN A 135 0.14 -7.53 -1.09
N ASP A 136 -0.95 -6.88 -0.75
CA ASP A 136 -2.26 -7.59 -0.60
C ASP A 136 -2.98 -7.70 -1.95
N LEU A 137 -2.45 -7.03 -3.00
CA LEU A 137 -3.24 -6.93 -4.26
C LEU A 137 -3.38 -8.28 -4.99
N THR A 138 -2.61 -9.26 -4.61
CA THR A 138 -2.76 -10.61 -5.23
C THR A 138 -3.68 -11.54 -4.44
N MET A 139 -4.17 -11.06 -3.33
CA MET A 139 -5.03 -11.83 -2.51
C MET A 139 -6.47 -11.63 -2.88
N CYS A 140 -7.21 -12.72 -2.78
CA CYS A 140 -8.56 -12.81 -3.21
C CYS A 140 -9.47 -11.78 -2.46
N PHE A 141 -9.19 -11.49 -1.18
CA PHE A 141 -9.98 -10.48 -0.43
C PHE A 141 -9.79 -9.10 -1.04
N ASN A 142 -8.72 -8.90 -1.81
CA ASN A 142 -8.41 -7.61 -2.41
C ASN A 142 -8.57 -7.66 -3.95
N SER A 143 -9.40 -8.56 -4.48
CA SER A 143 -9.65 -8.69 -5.94
C SER A 143 -10.17 -7.37 -6.41
N PRO A 144 -9.82 -6.98 -7.63
CA PRO A 144 -10.18 -5.62 -8.10
C PRO A 144 -11.69 -5.50 -8.35
N PRO A 145 -12.28 -4.43 -7.82
CA PRO A 145 -13.69 -4.27 -8.11
C PRO A 145 -13.88 -3.56 -9.46
N ALA A 146 -13.48 -4.24 -10.52
CA ALA A 146 -13.46 -3.72 -11.87
C ALA A 146 -14.82 -3.89 -12.54
N ALA A 147 -14.98 -3.28 -13.72
CA ALA A 147 -16.20 -3.43 -14.52
C ALA A 147 -16.46 -4.88 -14.82
N ALA A 148 -15.42 -5.57 -15.24
CA ALA A 148 -15.53 -6.99 -15.53
C ALA A 148 -15.16 -7.76 -14.26
N ASN A 149 -16.12 -8.51 -13.74
CA ASN A 149 -15.84 -9.28 -12.54
C ASN A 149 -16.52 -10.60 -12.67
N ILE A 150 -15.71 -11.65 -12.73
CA ILE A 150 -16.23 -12.99 -12.94
C ILE A 150 -15.72 -13.89 -11.84
N ASP A 151 -16.64 -14.55 -11.15
CA ASP A 151 -16.31 -15.38 -9.92
C ASP A 151 -15.47 -14.62 -8.92
N ASN A 152 -15.87 -13.37 -8.68
CA ASN A 152 -15.26 -12.52 -7.64
C ASN A 152 -13.80 -12.14 -8.06
N ASN A 153 -13.47 -12.32 -9.35
CA ASN A 153 -12.14 -11.99 -9.84
C ASN A 153 -11.11 -12.66 -8.95
N CYS A 154 -11.43 -13.90 -8.60
CA CYS A 154 -10.49 -14.65 -7.77
C CYS A 154 -10.39 -16.13 -8.33
N PHE A 155 -9.24 -16.75 -8.31
CA PHE A 155 -9.18 -18.18 -8.72
C PHE A 155 -8.31 -18.91 -7.67
N TYR A 156 -8.33 -20.22 -7.75
CA TYR A 156 -7.66 -21.10 -6.80
C TYR A 156 -6.59 -21.94 -7.51
N ALA A 157 -5.45 -22.12 -6.86
CA ALA A 157 -4.39 -23.00 -7.37
C ALA A 157 -3.92 -23.86 -6.19
N GLU A 158 -3.27 -24.95 -6.46
CA GLU A 158 -2.74 -25.80 -5.36
C GLU A 158 -1.29 -26.09 -5.53
N LEU A 159 -0.51 -25.99 -4.43
CA LEU A 159 0.91 -26.24 -4.49
C LEU A 159 1.07 -27.57 -3.76
N ASP A 160 1.71 -28.53 -4.39
CA ASP A 160 1.93 -29.78 -3.63
C ASP A 160 3.34 -29.66 -3.15
N ALA A 161 3.49 -29.41 -1.86
CA ALA A 161 4.79 -29.20 -1.28
C ALA A 161 4.97 -30.32 -0.27
N ASN A 162 4.23 -31.43 -0.50
CA ASN A 162 4.40 -32.66 0.38
C ASN A 162 5.50 -33.53 -0.23
N LYS A 163 6.76 -33.10 -0.05
CA LYS A 163 7.90 -33.64 -0.80
C LYS A 163 9.13 -33.37 0.04
N ASN A 164 10.28 -33.97 -0.28
CA ASN A 164 11.54 -33.72 0.50
C ASN A 164 12.16 -32.33 0.25
N PRO A 165 12.89 -31.85 1.24
CA PRO A 165 13.77 -30.71 1.13
C PRO A 165 14.56 -30.76 -0.15
N GLY A 166 14.59 -29.68 -0.90
CA GLY A 166 15.36 -29.75 -2.10
C GLY A 166 14.46 -30.01 -3.26
N GLU A 167 13.26 -30.56 -3.09
CA GLU A 167 12.44 -30.78 -4.30
C GLU A 167 11.62 -29.56 -4.69
N ILE A 168 11.23 -29.52 -5.97
CA ILE A 168 10.45 -28.43 -6.47
C ILE A 168 8.98 -28.74 -6.22
N VAL A 169 8.29 -27.78 -5.64
CA VAL A 169 6.90 -27.89 -5.38
C VAL A 169 6.16 -27.96 -6.69
N LYS A 170 5.10 -28.74 -6.72
CA LYS A 170 4.29 -28.87 -7.93
C LYS A 170 3.10 -27.92 -7.87
N ILE A 171 2.86 -27.23 -8.99
CA ILE A 171 1.78 -26.27 -9.02
C ILE A 171 0.59 -26.82 -9.83
N ASN A 172 -0.61 -26.84 -9.29
CA ASN A 172 -1.77 -27.28 -10.09
C ASN A 172 -2.87 -26.23 -10.21
N VAL A 173 -3.15 -25.78 -11.41
CA VAL A 173 -4.22 -24.79 -11.58
C VAL A 173 -5.42 -25.50 -12.24
N PRO A 174 -6.62 -25.39 -11.67
CA PRO A 174 -7.68 -26.12 -12.36
C PRO A 174 -7.86 -25.61 -13.78
N ALA A 175 -8.28 -26.44 -14.72
CA ALA A 175 -8.21 -26.02 -16.12
C ALA A 175 -9.27 -24.98 -16.48
N GLN A 176 -10.31 -24.81 -15.66
CA GLN A 176 -11.26 -23.73 -15.97
C GLN A 176 -10.67 -22.28 -15.97
N PHE A 177 -9.53 -22.06 -15.28
CA PHE A 177 -9.01 -20.68 -15.18
C PHE A 177 -8.01 -20.33 -16.30
N PRO A 178 -8.29 -19.29 -17.16
CA PRO A 178 -7.34 -18.90 -18.20
C PRO A 178 -6.24 -17.95 -17.69
N ILE A 179 -5.36 -18.52 -16.87
CA ILE A 179 -4.32 -17.79 -16.15
C ILE A 179 -3.10 -18.72 -16.15
N GLN A 180 -1.92 -18.25 -15.75
CA GLN A 180 -0.79 -19.15 -15.64
C GLN A 180 -0.14 -18.92 -14.34
N VAL A 181 0.23 -20.00 -13.64
CA VAL A 181 1.01 -19.89 -12.43
C VAL A 181 2.26 -20.70 -12.75
N PHE A 182 3.45 -20.11 -12.59
CA PHE A 182 4.69 -20.79 -12.96
C PHE A 182 5.74 -20.41 -11.89
N GLY A 183 6.85 -21.13 -11.81
CA GLY A 183 8.01 -20.73 -11.01
C GLY A 183 8.59 -21.98 -10.39
N GLN A 184 9.71 -21.84 -9.70
CA GLN A 184 10.35 -22.92 -9.00
C GLN A 184 10.39 -22.65 -7.50
N VAL A 185 9.36 -23.02 -6.77
CA VAL A 185 9.39 -22.94 -5.31
C VAL A 185 9.98 -24.26 -4.81
N TYR A 186 10.87 -24.22 -3.82
CA TYR A 186 11.47 -25.46 -3.34
C TYR A 186 11.07 -25.71 -1.91
N VAL A 187 11.17 -26.97 -1.51
CA VAL A 187 10.88 -27.32 -0.12
C VAL A 187 12.15 -27.08 0.66
N ALA A 188 12.06 -26.38 1.77
CA ALA A 188 13.22 -26.08 2.56
C ALA A 188 13.29 -27.05 3.76
N ASP A 189 14.49 -27.47 4.18
CA ASP A 189 14.62 -28.22 5.46
C ASP A 189 14.20 -27.43 6.75
N SER A 190 14.20 -28.13 7.88
CA SER A 190 13.77 -27.53 9.17
C SER A 190 14.64 -26.31 9.58
N ASN A 191 15.93 -26.39 9.28
CA ASN A 191 16.88 -25.29 9.52
C ASN A 191 16.61 -24.06 8.64
N GLU A 192 16.61 -24.24 7.31
CA GLU A 192 16.33 -23.12 6.38
C GLU A 192 14.91 -22.54 6.45
N ALA A 193 13.92 -23.39 6.70
CA ALA A 193 12.49 -22.98 6.62
C ALA A 193 12.05 -21.71 7.33
N PRO A 194 12.44 -21.51 8.62
CA PRO A 194 12.04 -20.28 9.30
C PRO A 194 12.43 -19.01 8.54
N TYR A 195 13.46 -19.09 7.70
CA TYR A 195 13.89 -17.95 6.87
C TYR A 195 13.16 -17.82 5.48
N CYS A 196 12.30 -18.79 5.15
CA CYS A 196 11.69 -18.81 3.82
C CYS A 196 10.64 -17.75 3.66
N GLN A 197 10.49 -17.26 2.43
CA GLN A 197 9.37 -16.43 2.06
C GLN A 197 8.79 -17.15 0.88
N LEU A 198 7.48 -17.32 0.83
CA LEU A 198 6.83 -17.76 -0.39
C LEU A 198 6.28 -16.50 -1.08
N ASP A 199 6.80 -16.12 -2.25
CA ASP A 199 6.35 -14.86 -2.89
C ASP A 199 5.57 -15.09 -4.20
N VAL A 200 4.76 -14.13 -4.59
CA VAL A 200 4.18 -14.22 -5.90
C VAL A 200 4.51 -12.92 -6.58
N VAL A 201 4.89 -12.95 -7.86
CA VAL A 201 5.18 -11.74 -8.62
C VAL A 201 4.22 -11.75 -9.83
N VAL A 202 3.52 -10.63 -10.07
CA VAL A 202 2.55 -10.55 -11.13
C VAL A 202 3.19 -10.08 -12.46
N HIS A 203 2.94 -10.80 -13.54
CA HIS A 203 3.48 -10.46 -14.84
C HIS A 203 2.28 -10.18 -15.72
N ASP A 204 2.50 -9.52 -16.88
CA ASP A 204 1.41 -9.12 -17.78
C ASP A 204 0.46 -10.29 -18.11
N ASN A 205 -0.81 -9.98 -18.32
CA ASN A 205 -1.75 -10.99 -18.81
C ASN A 205 -2.03 -12.12 -17.89
N ASN A 206 -2.16 -11.83 -16.61
CA ASN A 206 -2.52 -12.86 -15.67
C ASN A 206 -1.56 -14.05 -15.64
N ARG A 207 -0.27 -13.74 -15.53
CA ARG A 207 0.74 -14.75 -15.38
C ARG A 207 1.38 -14.52 -14.00
N TYR A 208 1.31 -15.52 -13.15
CA TYR A 208 1.78 -15.39 -11.78
C TYR A 208 3.02 -16.24 -11.55
N GLN A 209 4.09 -15.61 -11.08
CA GLN A 209 5.29 -16.35 -10.77
C GLN A 209 5.37 -16.58 -9.31
N VAL A 210 5.45 -17.83 -8.89
CA VAL A 210 5.73 -18.05 -7.49
C VAL A 210 7.24 -18.28 -7.31
N LYS A 211 7.75 -17.83 -6.17
CA LYS A 211 9.20 -17.79 -5.88
C LYS A 211 9.41 -18.06 -4.40
N GLY A 212 10.60 -18.53 -4.01
CA GLY A 212 10.78 -18.73 -2.61
C GLY A 212 10.77 -20.22 -2.25
N CYS A 213 10.36 -20.48 -1.05
CA CYS A 213 10.47 -21.82 -0.48
C CYS A 213 9.51 -21.87 0.65
N LEU A 214 9.30 -23.09 1.13
CA LEU A 214 8.45 -23.25 2.30
C LEU A 214 8.75 -24.61 2.94
N ALA A 215 8.33 -24.74 4.17
CA ALA A 215 8.58 -25.97 4.88
C ALA A 215 7.78 -27.11 4.17
N ARG A 216 8.26 -28.33 4.29
CA ARG A 216 7.41 -29.48 3.85
C ARG A 216 6.04 -29.34 4.39
N GLN A 217 5.01 -29.45 3.54
CA GLN A 217 3.64 -29.43 3.96
C GLN A 217 3.00 -30.86 4.12
N TYR A 218 2.02 -30.98 4.99
CA TYR A 218 1.44 -32.32 5.26
C TYR A 218 -0.05 -32.35 5.00
N LYS A 219 -0.44 -31.37 4.22
CA LYS A 219 -1.69 -31.36 3.42
C LYS A 219 -1.47 -30.42 2.21
N PRO A 220 -2.42 -30.41 1.25
CA PRO A 220 -2.25 -29.57 0.05
C PRO A 220 -2.34 -28.08 0.46
N PHE A 221 -1.34 -27.30 0.05
CA PHE A 221 -1.21 -25.84 0.31
C PHE A 221 -2.03 -25.05 -0.73
N GLY A 222 -3.16 -24.52 -0.32
CA GLY A 222 -4.03 -23.75 -1.24
C GLY A 222 -3.52 -22.34 -1.53
N LEU A 223 -3.54 -21.93 -2.79
CA LEU A 223 -3.39 -20.50 -3.09
C LEU A 223 -4.70 -19.97 -3.69
N SER A 224 -5.04 -18.79 -3.26
CA SER A 224 -6.23 -18.17 -3.67
C SER A 224 -5.74 -16.84 -4.27
N PHE A 225 -5.88 -16.59 -5.56
CA PHE A 225 -5.27 -15.39 -6.14
C PHE A 225 -6.32 -14.43 -6.73
N ALA A 226 -6.11 -13.12 -6.56
CA ALA A 226 -6.84 -12.10 -7.31
C ALA A 226 -6.40 -12.05 -8.78
N VAL A 227 -7.36 -12.13 -9.67
CA VAL A 227 -7.19 -11.79 -11.11
C VAL A 227 -6.69 -10.35 -11.25
N GLN A 228 -5.57 -10.17 -11.98
CA GLN A 228 -4.96 -8.80 -12.12
C GLN A 228 -5.43 -8.07 -13.37
N ASN A 229 -5.44 -8.73 -14.55
CA ASN A 229 -6.00 -8.09 -15.74
C ASN A 229 -7.43 -8.59 -15.99
N THR A 230 -8.40 -7.81 -15.56
CA THR A 230 -9.79 -8.33 -15.50
C THR A 230 -10.43 -8.34 -16.87
N ASP A 231 -10.07 -7.38 -17.72
CA ASP A 231 -10.52 -7.42 -19.11
C ASP A 231 -10.02 -8.62 -19.91
N ALA A 232 -8.75 -8.94 -19.76
CA ALA A 232 -8.16 -10.06 -20.53
C ALA A 232 -8.77 -11.37 -20.05
N TYR A 233 -8.97 -11.44 -18.71
CA TYR A 233 -9.54 -12.64 -18.11
C TYR A 233 -10.98 -12.85 -18.61
N ALA A 234 -11.78 -11.78 -18.59
CA ALA A 234 -13.14 -11.87 -19.07
C ALA A 234 -13.16 -12.26 -20.61
N ALA A 235 -12.34 -11.65 -21.41
CA ALA A 235 -12.33 -11.93 -22.84
C ALA A 235 -11.95 -13.38 -23.10
N ALA A 236 -10.99 -13.89 -22.33
CA ALA A 236 -10.62 -15.30 -22.44
C ALA A 236 -11.75 -16.23 -22.02
N ILE A 237 -12.42 -15.90 -20.93
CA ILE A 237 -13.55 -16.73 -20.53
C ILE A 237 -14.59 -16.73 -21.67
N ILE A 238 -14.89 -15.53 -22.19
CA ILE A 238 -15.95 -15.44 -23.18
C ILE A 238 -15.64 -16.36 -24.40
N GLN A 239 -14.39 -16.35 -24.84
CA GLN A 239 -13.94 -17.12 -26.01
C GLN A 239 -14.02 -18.62 -25.76
N ARG A 240 -13.69 -19.08 -24.58
CA ARG A 240 -13.84 -20.50 -24.33
C ARG A 240 -15.31 -20.89 -24.22
N GLN A 241 -16.14 -20.02 -23.65
CA GLN A 241 -17.57 -20.29 -23.57
C GLN A 241 -18.27 -20.29 -24.94
N LEU A 242 -17.94 -19.32 -25.80
CA LEU A 242 -18.39 -19.31 -27.16
C LEU A 242 -18.02 -20.60 -27.86
N ARG A 243 -16.79 -21.06 -27.69
CA ARG A 243 -16.38 -22.30 -28.32
C ARG A 243 -17.23 -23.48 -27.84
N LYS A 244 -17.37 -23.59 -26.51
CA LYS A 244 -18.09 -24.66 -25.88
C LYS A 244 -19.59 -24.62 -26.25
N LEU A 245 -20.13 -23.43 -26.50
CA LEU A 245 -21.47 -23.36 -27.02
C LEU A 245 -21.55 -23.69 -28.53
N GLY A 246 -20.43 -23.86 -29.22
CA GLY A 246 -20.54 -24.19 -30.63
C GLY A 246 -20.82 -22.94 -31.44
N ILE A 247 -20.44 -21.77 -30.94
CA ILE A 247 -20.53 -20.55 -31.72
C ILE A 247 -19.14 -20.20 -32.26
N GLU A 248 -19.02 -20.09 -33.59
CA GLU A 248 -17.70 -20.02 -34.16
C GLU A 248 -17.21 -18.56 -34.10
N PHE A 249 -15.98 -18.37 -33.70
CA PHE A 249 -15.52 -17.00 -33.66
C PHE A 249 -14.04 -16.94 -33.99
N ASN A 250 -13.63 -16.07 -34.89
CA ASN A 250 -12.20 -16.07 -35.25
C ASN A 250 -11.75 -14.64 -35.35
N GLY A 251 -12.33 -13.72 -34.57
CA GLY A 251 -12.02 -12.31 -34.71
C GLY A 251 -10.99 -11.84 -33.68
N LYS A 252 -10.79 -10.54 -33.56
CA LYS A 252 -9.89 -10.03 -32.58
C LYS A 252 -10.67 -9.72 -31.26
N VAL A 253 -9.94 -9.54 -30.16
CA VAL A 253 -10.51 -8.99 -28.94
C VAL A 253 -10.14 -7.53 -28.85
N LEU A 254 -11.14 -6.65 -28.87
CA LEU A 254 -10.89 -5.22 -28.85
C LEU A 254 -11.36 -4.61 -27.52
N LEU A 255 -10.52 -3.69 -27.01
CA LEU A 255 -10.87 -2.96 -25.76
C LEU A 255 -10.89 -1.47 -26.00
N PRO A 256 -11.94 -0.96 -26.63
CA PRO A 256 -11.90 0.44 -27.05
C PRO A 256 -11.95 1.45 -25.92
N GLN A 257 -12.34 1.10 -24.70
CA GLN A 257 -12.35 2.20 -23.69
C GLN A 257 -13.34 3.34 -23.90
N LYS A 258 -14.46 3.15 -24.55
CA LYS A 258 -15.47 4.18 -24.58
C LYS A 258 -16.81 3.44 -24.74
N PRO A 259 -17.92 4.09 -24.44
CA PRO A 259 -19.19 3.39 -24.54
C PRO A 259 -19.43 2.77 -25.93
N GLN A 260 -20.00 1.59 -26.02
CA GLN A 260 -20.16 0.99 -27.37
C GLN A 260 -21.65 0.91 -27.71
N GLN A 261 -22.10 1.57 -28.76
CA GLN A 261 -23.52 1.45 -29.19
C GLN A 261 -23.80 0.20 -29.95
N GLY A 262 -25.03 -0.32 -29.82
CA GLY A 262 -25.43 -1.41 -30.64
C GLY A 262 -26.85 -1.77 -30.29
N GLN A 263 -27.41 -2.77 -30.95
CA GLN A 263 -28.76 -3.20 -30.64
C GLN A 263 -28.64 -4.22 -29.47
N LEU A 264 -29.51 -4.09 -28.46
CA LEU A 264 -29.49 -4.96 -27.30
C LEU A 264 -29.93 -6.36 -27.64
N LEU A 265 -29.08 -7.36 -27.51
CA LEU A 265 -29.48 -8.72 -27.76
C LEU A 265 -29.96 -9.47 -26.50
N ALA A 266 -29.42 -9.16 -25.34
CA ALA A 266 -29.76 -9.99 -24.15
C ALA A 266 -29.14 -9.27 -22.94
N LYS A 267 -29.79 -9.30 -21.78
CA LYS A 267 -29.22 -8.55 -20.61
C LYS A 267 -29.40 -9.44 -19.35
N HIS A 268 -28.32 -9.67 -18.62
CA HIS A 268 -28.32 -10.47 -17.40
C HIS A 268 -28.44 -9.42 -16.26
N LEU A 269 -29.33 -9.61 -15.27
CA LEU A 269 -29.42 -8.64 -14.18
C LEU A 269 -28.93 -9.29 -12.91
N SER A 270 -28.13 -8.59 -12.10
CA SER A 270 -27.77 -9.11 -10.78
C SER A 270 -29.02 -9.15 -9.87
N LYS A 271 -28.87 -9.77 -8.71
CA LYS A 271 -29.80 -9.52 -7.64
C LYS A 271 -29.83 -8.06 -7.28
N PRO A 272 -30.95 -7.64 -6.77
CA PRO A 272 -31.18 -6.23 -6.59
C PRO A 272 -30.49 -5.70 -5.31
N LEU A 273 -30.43 -4.40 -5.20
CA LEU A 273 -29.67 -3.80 -4.10
C LEU A 273 -29.88 -4.39 -2.70
N PRO A 274 -31.15 -4.71 -2.29
CA PRO A 274 -31.24 -5.08 -0.87
C PRO A 274 -30.44 -6.40 -0.64
N ASP A 275 -30.40 -7.28 -1.66
CA ASP A 275 -29.70 -8.58 -1.55
C ASP A 275 -28.18 -8.29 -1.56
N LEU A 276 -27.76 -7.40 -2.45
CA LEU A 276 -26.33 -7.06 -2.51
C LEU A 276 -25.90 -6.40 -1.17
N LEU A 277 -26.70 -5.50 -0.65
CA LEU A 277 -26.36 -4.82 0.62
C LEU A 277 -26.34 -5.82 1.81
N LYS A 278 -27.30 -6.73 1.81
CA LYS A 278 -27.29 -7.73 2.90
C LYS A 278 -26.02 -8.58 2.85
N LYS A 279 -25.64 -9.04 1.66
CA LYS A 279 -24.40 -9.81 1.62
C LYS A 279 -23.16 -8.92 1.97
N MET A 280 -23.15 -7.66 1.53
CA MET A 280 -22.00 -6.83 1.79
C MET A 280 -21.85 -6.58 3.30
N MET A 281 -22.96 -6.29 3.96
CA MET A 281 -22.95 -5.99 5.37
C MET A 281 -22.80 -7.24 6.29
N LYS A 282 -23.48 -8.34 5.97
CA LYS A 282 -23.35 -9.56 6.81
C LYS A 282 -21.99 -10.13 6.69
N LYS A 283 -21.50 -10.27 5.45
CA LYS A 283 -20.26 -10.99 5.22
C LYS A 283 -19.11 -10.06 5.06
N SER A 284 -19.35 -8.76 4.89
CA SER A 284 -18.20 -7.87 4.60
C SER A 284 -17.48 -8.15 3.24
N ASP A 285 -18.23 -8.05 2.17
CA ASP A 285 -17.72 -8.29 0.85
C ASP A 285 -17.12 -6.99 0.32
N ASN A 286 -15.78 -6.99 0.20
CA ASN A 286 -15.06 -5.81 -0.25
C ASN A 286 -15.42 -5.30 -1.65
N GLN A 287 -15.63 -6.27 -2.54
CA GLN A 287 -15.96 -5.97 -3.95
C GLN A 287 -17.33 -5.44 -4.14
N ILE A 288 -18.32 -5.95 -3.36
CA ILE A 288 -19.63 -5.37 -3.51
C ILE A 288 -19.56 -3.90 -3.02
N ALA A 289 -18.87 -3.66 -1.91
CA ALA A 289 -18.69 -2.25 -1.43
C ALA A 289 -18.08 -1.33 -2.45
N ASP A 290 -16.91 -1.68 -3.00
CA ASP A 290 -16.27 -0.81 -4.00
C ASP A 290 -17.01 -0.72 -5.36
N SER A 291 -17.71 -1.79 -5.74
CA SER A 291 -18.60 -1.75 -6.90
C SER A 291 -19.72 -0.79 -6.74
N LEU A 292 -20.45 -0.96 -5.64
CA LEU A 292 -21.55 0.00 -5.32
C LEU A 292 -21.00 1.46 -5.19
N PHE A 293 -19.81 1.62 -4.60
CA PHE A 293 -19.28 2.91 -4.36
C PHE A 293 -19.21 3.62 -5.73
N ARG A 294 -18.61 2.99 -6.74
CA ARG A 294 -18.53 3.60 -8.06
C ARG A 294 -19.83 3.57 -8.87
N ALA A 295 -20.64 2.52 -8.77
CA ALA A 295 -21.98 2.57 -9.37
C ALA A 295 -22.75 3.82 -8.86
N VAL A 296 -22.69 4.10 -7.57
CA VAL A 296 -23.33 5.27 -7.01
C VAL A 296 -22.89 6.52 -7.78
N ALA A 297 -21.59 6.68 -7.95
CA ALA A 297 -21.10 7.89 -8.61
C ALA A 297 -21.44 7.94 -10.12
N PHE A 298 -21.39 6.79 -10.78
CA PHE A 298 -21.81 6.72 -12.20
C PHE A 298 -23.25 7.22 -12.38
N ASN A 299 -24.14 6.72 -11.53
CA ASN A 299 -25.54 7.09 -11.65
C ASN A 299 -25.81 8.51 -11.13
N TYR A 300 -25.10 8.97 -10.12
CA TYR A 300 -25.38 10.25 -9.56
C TYR A 300 -24.83 11.38 -10.45
N TYR A 301 -23.64 11.20 -11.02
CA TYR A 301 -23.02 12.23 -11.83
C TYR A 301 -23.24 12.01 -13.33
N LYS A 302 -23.63 10.79 -13.70
CA LYS A 302 -23.87 10.42 -15.10
C LYS A 302 -22.59 10.55 -15.92
N ARG A 303 -21.50 9.94 -15.45
CA ARG A 303 -20.27 9.95 -16.19
C ARG A 303 -19.41 8.82 -15.62
N PRO A 304 -18.49 8.28 -16.44
CA PRO A 304 -17.63 7.21 -16.05
C PRO A 304 -17.11 7.51 -14.62
N ALA A 305 -17.08 6.53 -13.73
CA ALA A 305 -16.76 6.79 -12.31
C ALA A 305 -15.39 6.25 -11.91
N SER A 306 -14.57 7.14 -11.36
CA SER A 306 -13.35 6.71 -10.75
C SER A 306 -13.58 6.61 -9.19
N PHE A 307 -12.56 6.19 -8.44
CA PHE A 307 -12.71 6.20 -6.97
C PHE A 307 -12.85 7.62 -6.45
N GLN A 308 -12.16 8.60 -7.06
CA GLN A 308 -12.35 10.01 -6.65
C GLN A 308 -13.80 10.50 -6.81
N LEU A 309 -14.45 10.11 -7.91
CA LEU A 309 -15.84 10.47 -8.06
C LEU A 309 -16.72 9.75 -7.03
N GLY A 310 -16.36 8.49 -6.73
CA GLY A 310 -17.06 7.76 -5.66
C GLY A 310 -17.05 8.52 -4.35
N THR A 311 -15.87 8.93 -3.93
CA THR A 311 -15.71 9.79 -2.75
C THR A 311 -16.58 11.04 -2.84
N LEU A 312 -16.51 11.76 -3.96
CA LEU A 312 -17.31 12.97 -4.04
C LEU A 312 -18.81 12.66 -3.93
N ALA A 313 -19.25 11.56 -4.58
CA ALA A 313 -20.71 11.32 -4.63
C ALA A 313 -21.20 10.94 -3.22
N VAL A 314 -20.45 10.04 -2.58
CA VAL A 314 -20.89 9.57 -1.27
C VAL A 314 -20.98 10.74 -0.27
N LYS A 315 -19.99 11.62 -0.34
CA LYS A 315 -20.02 12.74 0.58
C LYS A 315 -21.14 13.70 0.32
N SER A 316 -21.38 13.99 -0.97
CA SER A 316 -22.40 14.90 -1.43
C SER A 316 -23.79 14.30 -1.10
N ILE A 317 -23.97 13.00 -1.26
CA ILE A 317 -25.28 12.43 -1.01
C ILE A 317 -25.56 12.47 0.52
N LEU A 318 -24.59 12.09 1.30
CA LEU A 318 -24.82 12.05 2.73
C LEU A 318 -24.87 13.50 3.33
N GLN A 319 -24.08 14.39 2.77
CA GLN A 319 -24.14 15.78 3.25
C GLN A 319 -25.56 16.34 3.12
N LYS A 320 -26.24 16.04 2.02
CA LYS A 320 -27.65 16.42 1.87
C LYS A 320 -28.59 15.91 2.93
N GLN A 321 -28.20 14.83 3.61
CA GLN A 321 -29.05 14.24 4.58
C GLN A 321 -28.58 14.72 5.93
N GLY A 322 -27.61 15.65 5.94
CA GLY A 322 -27.17 16.23 7.20
C GLY A 322 -25.94 15.64 7.83
N ILE A 323 -25.25 14.71 7.19
CA ILE A 323 -23.98 14.21 7.74
C ILE A 323 -22.87 15.24 7.47
N ARG A 324 -21.96 15.49 8.39
CA ARG A 324 -20.84 16.43 8.14
C ARG A 324 -19.54 15.65 8.21
N PHE A 325 -18.73 15.72 7.16
CA PHE A 325 -17.48 14.98 7.09
C PHE A 325 -16.26 15.78 7.53
N GLY A 326 -16.39 17.11 7.65
CA GLY A 326 -15.23 17.98 7.95
C GLY A 326 -14.05 17.56 7.06
N ASN A 327 -12.88 17.31 7.63
CA ASN A 327 -11.77 16.91 6.75
C ASN A 327 -11.52 15.39 6.74
N SER A 328 -12.56 14.59 6.93
CA SER A 328 -12.43 13.10 6.83
C SER A 328 -11.87 12.73 5.48
N ILE A 329 -11.13 11.63 5.39
CA ILE A 329 -10.73 11.16 4.09
C ILE A 329 -11.43 9.80 3.87
N LEU A 330 -12.26 9.74 2.84
CA LEU A 330 -12.85 8.49 2.38
C LEU A 330 -12.31 8.18 0.99
N ALA A 331 -11.36 7.25 0.89
CA ALA A 331 -10.73 6.99 -0.40
C ALA A 331 -11.42 5.86 -1.18
N ASP A 332 -12.31 5.09 -0.50
CA ASP A 332 -12.98 3.91 -1.09
C ASP A 332 -14.31 3.63 -0.39
N GLY A 333 -15.03 2.64 -0.87
CA GLY A 333 -16.31 2.33 -0.27
C GLY A 333 -16.07 1.18 0.74
N SER A 334 -14.96 0.47 0.62
CA SER A 334 -14.81 -0.74 1.44
C SER A 334 -14.01 -0.45 2.72
N GLY A 335 -13.34 0.70 2.80
CA GLY A 335 -12.40 0.96 3.93
C GLY A 335 -11.04 0.27 3.85
N LEU A 336 -10.65 -0.24 2.69
CA LEU A 336 -9.37 -0.93 2.67
C LEU A 336 -8.16 0.07 2.73
N SER A 337 -8.32 1.28 2.20
CA SER A 337 -7.22 2.20 2.05
C SER A 337 -6.61 2.60 3.39
N ARG A 338 -5.29 2.64 3.44
CA ARG A 338 -4.60 3.10 4.64
C ARG A 338 -4.58 4.59 4.69
N HIS A 339 -5.13 5.25 3.67
CA HIS A 339 -5.33 6.74 3.79
C HIS A 339 -6.64 7.16 4.42
N ASN A 340 -7.55 6.20 4.64
CA ASN A 340 -8.87 6.54 5.13
C ASN A 340 -8.68 7.14 6.51
N LEU A 341 -9.44 8.18 6.78
CA LEU A 341 -9.40 8.81 8.09
C LEU A 341 -10.78 9.22 8.47
N VAL A 342 -11.29 8.72 9.57
CA VAL A 342 -12.63 9.16 9.97
C VAL A 342 -12.78 9.09 11.50
N ALA A 343 -13.46 10.08 12.09
CA ALA A 343 -13.69 10.03 13.56
C ALA A 343 -14.90 9.18 13.99
N PRO A 344 -14.80 8.48 15.13
CA PRO A 344 -15.93 7.71 15.66
C PRO A 344 -17.22 8.50 15.57
N LYS A 345 -17.17 9.80 15.96
CA LYS A 345 -18.47 10.54 16.00
C LYS A 345 -19.12 10.71 14.64
N THR A 346 -18.37 10.82 13.55
CA THR A 346 -19.01 10.95 12.22
C THR A 346 -19.72 9.60 11.84
N MET A 347 -19.08 8.47 12.12
CA MET A 347 -19.70 7.16 11.87
C MET A 347 -20.94 7.10 12.77
N LEU A 348 -20.85 7.57 14.02
CA LEU A 348 -22.04 7.47 14.89
C LEU A 348 -23.18 8.26 14.32
N SER A 349 -22.90 9.49 13.76
CA SER A 349 -24.01 10.28 13.18
C SER A 349 -24.69 9.53 12.01
N VAL A 350 -23.94 8.72 11.25
CA VAL A 350 -24.58 7.89 10.22
C VAL A 350 -25.40 6.75 10.81
N LEU A 351 -24.85 6.02 11.77
CA LEU A 351 -25.68 5.05 12.50
C LEU A 351 -26.99 5.65 13.02
N GLU A 352 -26.94 6.84 13.60
CA GLU A 352 -28.22 7.47 14.09
C GLU A 352 -29.19 7.75 12.97
N TYR A 353 -28.63 8.22 11.87
CA TYR A 353 -29.42 8.47 10.63
C TYR A 353 -30.10 7.18 10.19
N ILE A 354 -29.32 6.09 10.20
CA ILE A 354 -29.85 4.75 9.93
C ILE A 354 -31.04 4.31 10.84
N ALA A 355 -30.85 4.43 12.16
CA ALA A 355 -31.91 4.09 13.12
C ALA A 355 -33.06 5.06 12.94
N LYS A 356 -32.79 6.36 12.77
CA LYS A 356 -33.90 7.27 12.66
C LYS A 356 -34.74 6.96 11.39
N ASN A 357 -34.11 6.51 10.30
CA ASN A 357 -34.93 6.35 9.06
C ASN A 357 -35.17 4.90 8.74
N GLU A 358 -35.13 4.05 9.73
CA GLU A 358 -35.30 2.63 9.49
C GLU A 358 -36.59 2.29 8.65
N ASP A 359 -37.68 3.05 8.86
CA ASP A 359 -38.94 2.72 8.13
C ASP A 359 -38.77 2.84 6.61
N LYS A 360 -37.82 3.64 6.17
CA LYS A 360 -37.63 3.80 4.74
C LYS A 360 -36.39 3.05 4.24
N LEU A 361 -35.33 3.04 5.03
CA LEU A 361 -34.08 2.46 4.54
C LEU A 361 -34.06 0.94 4.71
N HIS A 362 -34.67 0.42 5.78
CA HIS A 362 -34.51 -1.02 6.07
C HIS A 362 -33.07 -1.52 6.09
N LEU A 363 -32.15 -0.75 6.65
CA LEU A 363 -30.80 -1.27 6.77
C LEU A 363 -30.51 -2.01 8.06
N MET A 364 -31.39 -1.92 9.09
CA MET A 364 -31.04 -2.52 10.39
C MET A 364 -30.85 -4.02 10.26
N GLU A 365 -31.68 -4.61 9.41
CA GLU A 365 -31.63 -6.07 9.24
C GLU A 365 -30.39 -6.48 8.47
N THR A 366 -29.64 -5.58 7.86
CA THR A 366 -28.40 -6.04 7.17
C THR A 366 -27.18 -6.20 8.14
N PHE A 367 -27.22 -5.62 9.34
CA PHE A 367 -26.08 -5.79 10.31
C PHE A 367 -25.93 -7.25 10.83
N PRO A 368 -24.71 -7.74 10.98
CA PRO A 368 -24.45 -9.04 11.64
C PRO A 368 -25.01 -9.03 13.08
N ILE A 369 -25.49 -10.20 13.51
CA ILE A 369 -26.15 -10.32 14.80
C ILE A 369 -25.27 -11.20 15.69
N ALA A 370 -24.95 -10.68 16.86
CA ALA A 370 -24.03 -11.35 17.75
C ALA A 370 -24.53 -12.80 18.07
N GLY A 371 -23.63 -13.74 17.87
CA GLY A 371 -23.85 -15.16 18.07
C GLY A 371 -24.87 -15.76 17.14
N VAL A 372 -25.29 -15.05 16.09
CA VAL A 372 -26.37 -15.56 15.24
C VAL A 372 -25.94 -15.61 13.76
N ASP A 373 -25.46 -14.50 13.15
CA ASP A 373 -25.01 -14.59 11.73
C ASP A 373 -23.92 -13.55 11.39
N GLY A 374 -23.54 -13.55 10.11
CA GLY A 374 -22.55 -12.66 9.60
C GLY A 374 -21.23 -12.84 10.31
N THR A 375 -20.43 -11.76 10.28
CA THR A 375 -19.03 -11.85 10.79
C THR A 375 -18.94 -11.80 12.33
N ILE A 376 -20.06 -11.63 13.04
CA ILE A 376 -19.91 -11.74 14.51
C ILE A 376 -20.70 -12.93 15.09
N SER A 377 -20.86 -14.00 14.31
CA SER A 377 -21.67 -15.13 14.83
C SER A 377 -20.84 -15.83 15.85
N GLY A 378 -19.52 -15.77 15.75
CA GLY A 378 -18.68 -16.36 16.75
C GLY A 378 -17.69 -15.41 17.42
N ARG A 379 -17.99 -14.10 17.44
CA ARG A 379 -17.12 -13.07 18.01
C ARG A 379 -17.11 -13.15 19.54
N GLY A 380 -15.96 -13.52 20.08
CA GLY A 380 -15.86 -14.01 21.45
C GLY A 380 -16.27 -13.00 22.52
N GLY A 381 -16.15 -11.70 22.25
CA GLY A 381 -16.54 -10.73 23.27
C GLY A 381 -18.08 -10.61 23.36
N LEU A 382 -18.78 -10.99 22.31
CA LEU A 382 -20.19 -10.71 22.23
C LEU A 382 -21.06 -11.95 22.40
N ILE A 383 -20.51 -13.11 22.72
CA ILE A 383 -21.35 -14.31 22.55
C ILE A 383 -22.03 -14.82 23.83
N SER A 384 -21.98 -14.08 24.93
CA SER A 384 -22.74 -14.46 26.11
C SER A 384 -23.80 -13.41 26.40
N PRO A 385 -24.80 -13.81 27.19
CA PRO A 385 -25.80 -12.93 27.72
C PRO A 385 -25.01 -11.86 28.49
N PRO A 386 -25.52 -10.64 28.50
CA PRO A 386 -26.70 -10.19 27.77
C PRO A 386 -26.46 -9.67 26.35
N LEU A 387 -25.33 -10.06 25.75
CA LEU A 387 -24.91 -9.45 24.44
C LEU A 387 -25.37 -10.29 23.24
N VAL A 388 -25.24 -11.60 23.35
CA VAL A 388 -25.64 -12.51 22.29
C VAL A 388 -27.14 -12.26 21.90
N LYS A 389 -27.46 -12.27 20.61
CA LYS A 389 -28.80 -11.98 20.06
C LYS A 389 -29.27 -10.59 20.36
N ASN A 390 -28.37 -9.70 20.74
CA ASN A 390 -28.80 -8.34 21.11
C ASN A 390 -27.88 -7.35 20.33
N VAL A 391 -26.59 -7.36 20.60
CA VAL A 391 -25.66 -6.57 19.77
C VAL A 391 -25.75 -6.99 18.25
N ILE A 392 -25.94 -6.00 17.39
CA ILE A 392 -25.71 -6.16 15.93
C ILE A 392 -24.65 -5.09 15.53
N ALA A 393 -23.73 -5.43 14.66
CA ALA A 393 -22.59 -4.53 14.42
C ALA A 393 -21.88 -4.94 13.14
N LYS A 394 -21.52 -3.96 12.35
CA LYS A 394 -20.70 -4.20 11.22
C LYS A 394 -19.25 -4.27 11.73
N THR A 395 -18.43 -5.24 11.32
CA THR A 395 -17.07 -5.29 11.78
C THR A 395 -16.13 -4.62 10.81
N GLY A 396 -14.92 -4.27 11.29
CA GLY A 396 -13.87 -3.89 10.37
C GLY A 396 -12.58 -4.43 10.93
N SER A 397 -11.75 -5.08 10.12
CA SER A 397 -10.47 -5.59 10.55
C SER A 397 -9.40 -5.41 9.47
N LEU A 398 -8.21 -4.98 9.86
CA LEU A 398 -7.03 -5.02 9.00
C LEU A 398 -5.91 -5.40 9.96
N LYS A 399 -4.72 -5.63 9.44
CA LYS A 399 -3.57 -5.76 10.36
C LYS A 399 -3.54 -4.58 11.30
N GLY A 400 -3.62 -4.82 12.61
CA GLY A 400 -3.59 -3.69 13.53
C GLY A 400 -4.90 -3.06 13.90
N VAL A 401 -6.00 -3.45 13.23
CA VAL A 401 -7.24 -2.69 13.36
C VAL A 401 -8.40 -3.62 13.67
N TYR A 402 -9.20 -3.30 14.70
CA TYR A 402 -10.37 -4.15 15.10
C TYR A 402 -11.50 -3.26 15.52
N ASN A 403 -12.52 -3.15 14.65
CA ASN A 403 -13.53 -2.16 14.79
C ASN A 403 -14.92 -2.86 14.81
N LEU A 404 -15.88 -2.20 15.41
CA LEU A 404 -17.35 -2.54 15.38
C LEU A 404 -18.12 -1.27 15.26
N ALA A 405 -19.25 -1.29 14.55
CA ALA A 405 -20.10 -0.16 14.57
C ALA A 405 -21.49 -0.73 14.47
N GLY A 406 -22.37 -0.31 15.36
CA GLY A 406 -23.72 -0.92 15.33
C GLY A 406 -24.58 -0.46 16.47
N PHE A 407 -25.40 -1.39 16.96
CA PHE A 407 -26.53 -0.98 17.85
C PHE A 407 -26.77 -2.08 18.82
N MET A 408 -27.44 -1.75 19.91
CA MET A 408 -27.83 -2.78 20.87
C MET A 408 -28.96 -2.20 21.74
N THR A 409 -29.65 -3.09 22.46
CA THR A 409 -30.65 -2.70 23.41
C THR A 409 -30.05 -2.77 24.83
N ASN A 410 -30.22 -1.76 25.65
CA ASN A 410 -29.64 -1.82 26.98
C ASN A 410 -30.65 -2.49 28.00
N ALA A 411 -30.27 -2.55 29.29
CA ALA A 411 -31.07 -3.22 30.31
C ALA A 411 -32.45 -2.58 30.46
N ARG A 412 -32.61 -1.31 30.07
CA ARG A 412 -33.88 -0.66 30.14
C ARG A 412 -34.77 -0.83 28.91
N GLY A 413 -34.24 -1.51 27.89
CA GLY A 413 -34.90 -1.65 26.63
C GLY A 413 -34.74 -0.46 25.70
N GLU A 414 -33.78 0.45 25.97
CA GLU A 414 -33.54 1.63 25.08
C GLU A 414 -32.47 1.25 24.05
N LYS A 415 -32.50 1.86 22.87
CA LYS A 415 -31.52 1.56 21.83
C LYS A 415 -30.24 2.37 21.95
N VAL A 416 -29.11 1.70 21.90
CA VAL A 416 -27.82 2.41 21.98
C VAL A 416 -27.12 2.22 20.62
N ALA A 417 -26.67 3.31 19.98
CA ALA A 417 -25.76 3.20 18.85
C ALA A 417 -24.30 3.40 19.31
N PHE A 418 -23.35 2.68 18.71
CA PHE A 418 -21.98 2.82 19.15
C PHE A 418 -20.99 2.59 18.02
N VAL A 419 -19.83 3.18 18.26
CA VAL A 419 -18.73 3.00 17.32
C VAL A 419 -17.47 2.74 18.11
N GLN A 420 -16.81 1.65 17.75
CA GLN A 420 -15.57 1.26 18.40
C GLN A 420 -14.46 1.13 17.31
N PHE A 421 -13.48 2.02 17.34
CA PHE A 421 -12.31 1.91 16.44
C PHE A 421 -11.09 1.58 17.32
N ILE A 422 -10.42 0.50 17.04
CA ILE A 422 -9.18 0.24 17.68
C ILE A 422 -8.09 0.18 16.57
N ASN A 423 -7.01 0.94 16.72
CA ASN A 423 -5.87 0.89 15.76
C ASN A 423 -4.62 0.70 16.57
N GLY A 424 -3.50 0.41 15.91
CA GLY A 424 -2.27 0.17 16.63
C GLY A 424 -2.22 -1.14 17.45
N TYR A 425 -3.09 -2.12 17.14
CA TYR A 425 -3.16 -3.37 17.92
C TYR A 425 -2.10 -4.32 17.42
N SER A 426 -1.16 -4.68 18.31
CA SER A 426 -0.06 -5.56 17.93
C SER A 426 0.26 -6.48 19.14
N THR A 427 0.27 -7.78 18.92
CA THR A 427 0.61 -8.70 20.01
C THR A 427 1.77 -9.61 19.62
N GLY A 428 2.40 -9.34 18.49
CA GLY A 428 3.59 -10.06 18.01
C GLY A 428 4.19 -9.40 16.74
N ASP A 429 5.03 -10.10 16.00
CA ASP A 429 5.56 -9.44 14.79
C ASP A 429 4.54 -9.50 13.61
N LEU A 430 4.88 -8.89 12.45
CA LEU A 430 3.99 -8.78 11.27
C LEU A 430 3.25 -10.09 10.83
N GLU A 431 4.03 -11.14 10.52
CA GLU A 431 3.48 -12.39 9.95
C GLU A 431 2.79 -13.31 10.97
N SER A 432 2.75 -12.89 12.24
CA SER A 432 2.24 -13.69 13.38
C SER A 432 0.72 -13.79 13.45
N LYS A 433 0.24 -14.94 13.91
CA LYS A 433 -1.15 -15.07 14.34
C LYS A 433 -1.39 -14.10 15.54
N THR A 434 -2.21 -13.07 15.31
CA THR A 434 -2.58 -12.09 16.35
C THR A 434 -3.36 -12.69 17.53
N LYS A 435 -3.00 -12.32 18.75
CA LYS A 435 -3.71 -12.76 19.97
C LYS A 435 -4.96 -11.92 20.25
N ARG A 436 -6.08 -12.63 20.26
CA ARG A 436 -7.38 -11.98 20.34
C ARG A 436 -7.92 -11.92 21.77
N ALA A 437 -7.30 -12.65 22.72
CA ALA A 437 -7.78 -12.61 24.09
C ALA A 437 -7.91 -11.17 24.58
N PRO A 438 -6.89 -10.30 24.42
CA PRO A 438 -7.12 -8.92 24.89
C PRO A 438 -8.32 -8.23 24.21
N LEU A 439 -8.52 -8.44 22.93
CA LEU A 439 -9.71 -7.90 22.25
C LEU A 439 -11.03 -8.46 22.80
N VAL A 440 -11.06 -9.78 23.03
CA VAL A 440 -12.30 -10.43 23.60
C VAL A 440 -12.66 -9.79 24.95
N GLN A 441 -11.67 -9.64 25.83
CA GLN A 441 -11.95 -9.03 27.12
C GLN A 441 -12.36 -7.58 27.04
N PHE A 442 -11.65 -6.79 26.21
CA PHE A 442 -12.01 -5.35 26.14
C PHE A 442 -13.48 -5.28 25.67
N GLU A 443 -13.81 -6.02 24.59
CA GLU A 443 -15.16 -5.92 24.04
C GLU A 443 -16.23 -6.47 25.01
N ARG A 444 -15.99 -7.63 25.59
CA ARG A 444 -16.92 -8.14 26.62
C ARG A 444 -17.22 -7.05 27.69
N ASN A 445 -16.14 -6.38 28.17
CA ASN A 445 -16.33 -5.33 29.16
C ASN A 445 -17.04 -4.12 28.64
N LEU A 446 -16.63 -3.63 27.46
CA LEU A 446 -17.22 -2.37 26.96
C LEU A 446 -18.74 -2.60 26.71
N TYR A 447 -19.11 -3.71 26.04
CA TYR A 447 -20.54 -3.87 25.69
C TYR A 447 -21.41 -4.17 26.93
N ASN A 448 -20.83 -4.86 27.89
CA ASN A 448 -21.46 -4.96 29.21
C ASN A 448 -21.67 -3.63 29.89
N GLU A 449 -20.65 -2.74 29.87
CA GLU A 449 -20.92 -1.36 30.45
C GLU A 449 -21.98 -0.63 29.71
N LEU A 450 -22.01 -0.78 28.40
CA LEU A 450 -23.01 -0.03 27.64
C LEU A 450 -24.42 -0.65 27.93
N TYR A 451 -24.46 -1.99 28.10
CA TYR A 451 -25.71 -2.62 28.48
C TYR A 451 -26.29 -2.08 29.86
N LYS A 452 -25.38 -1.95 30.84
CA LYS A 452 -25.69 -1.57 32.25
C LYS A 452 -25.82 -0.08 32.54
N TYR A 453 -25.19 0.76 31.73
CA TYR A 453 -25.14 2.19 32.07
C TYR A 453 -26.53 2.73 32.22
N MET B 1 5.56 18.76 34.16
CA MET B 1 5.88 18.60 32.76
C MET B 1 5.22 19.68 31.92
N ILE B 2 5.73 19.89 30.73
CA ILE B 2 5.09 20.78 29.79
C ILE B 2 3.65 20.30 29.55
N ASN B 3 2.73 21.24 29.43
CA ASN B 3 1.38 20.88 29.10
C ASN B 3 1.23 20.68 27.59
N VAL B 4 1.51 19.45 27.13
CA VAL B 4 1.49 19.18 25.70
C VAL B 4 0.01 19.21 25.21
N SER B 5 -0.88 18.70 26.05
CA SER B 5 -2.29 18.79 25.78
C SER B 5 -2.74 20.19 25.37
N ASP B 6 -2.45 21.21 26.16
CA ASP B 6 -2.78 22.55 25.70
C ASP B 6 -2.20 22.89 24.32
N LEU B 7 -0.98 22.51 24.07
CA LEU B 7 -0.37 22.80 22.76
C LEU B 7 -1.10 22.15 21.55
N THR B 8 -1.55 20.90 21.73
CA THR B 8 -2.19 20.21 20.62
C THR B 8 -3.54 20.85 20.22
N GLN B 9 -4.09 21.72 21.07
CA GLN B 9 -5.22 22.62 20.68
C GLN B 9 -4.99 23.33 19.40
N LYS B 10 -3.77 23.64 19.06
CA LYS B 10 -3.60 24.32 17.79
C LYS B 10 -3.40 23.39 16.58
N LEU B 11 -3.41 22.06 16.81
CA LEU B 11 -3.18 21.17 15.68
C LEU B 11 -4.59 21.01 15.04
N PRO B 12 -4.67 20.55 13.78
CA PRO B 12 -6.01 20.45 13.19
C PRO B 12 -6.87 19.45 13.95
N GLU B 13 -8.17 19.70 13.96
CA GLU B 13 -9.11 18.78 14.53
C GLU B 13 -8.98 17.40 13.93
N GLY B 14 -9.11 16.38 14.77
CA GLY B 14 -8.91 14.99 14.31
C GLY B 14 -7.50 14.45 14.41
N SER B 15 -6.46 15.32 14.53
CA SER B 15 -5.12 14.79 14.45
C SER B 15 -4.82 14.16 15.79
N ASN B 16 -3.74 13.40 15.86
CA ASN B 16 -3.32 12.86 17.12
C ASN B 16 -1.81 13.06 17.27
N ALA B 17 -1.38 13.49 18.47
CA ALA B 17 0.04 13.69 18.70
C ALA B 17 0.60 12.74 19.77
N GLY B 18 1.83 12.31 19.54
CA GLY B 18 2.55 11.54 20.55
C GLY B 18 3.82 12.36 20.78
N VAL B 19 4.04 12.81 22.01
CA VAL B 19 5.17 13.68 22.28
C VAL B 19 5.83 13.26 23.58
N ILE B 20 7.13 12.98 23.51
CA ILE B 20 7.88 12.74 24.73
C ILE B 20 9.26 13.41 24.68
N ALA B 21 9.73 13.94 25.82
CA ALA B 21 11.01 14.69 25.84
C ALA B 21 11.73 14.43 27.15
N LYS B 22 13.04 14.25 27.08
CA LYS B 22 13.78 14.00 28.30
C LYS B 22 15.02 14.97 28.47
N ASN B 23 15.19 15.52 29.65
CA ASN B 23 16.41 16.33 29.93
C ASN B 23 17.45 15.31 30.29
N ILE B 24 18.41 15.08 29.39
CA ILE B 24 19.41 14.04 29.60
C ILE B 24 20.30 14.32 30.81
N ASN B 25 20.71 15.58 30.97
CA ASN B 25 21.55 15.98 32.11
C ASN B 25 20.83 15.68 33.45
N GLN B 26 19.54 16.01 33.55
CA GLN B 26 18.84 15.87 34.82
C GLN B 26 18.23 14.49 34.93
N ASN B 27 18.41 13.66 33.89
CA ASN B 27 17.72 12.39 33.73
C ASN B 27 16.21 12.45 34.03
N GLN B 28 15.54 13.45 33.48
CA GLN B 28 14.16 13.69 33.80
C GLN B 28 13.28 13.82 32.54
N ILE B 29 12.17 13.09 32.53
CA ILE B 29 11.15 13.25 31.50
C ILE B 29 10.44 14.57 31.73
N ILE B 30 10.42 15.46 30.73
CA ILE B 30 9.81 16.79 30.92
C ILE B 30 8.59 17.06 30.02
N ALA B 31 8.23 16.05 29.20
CA ALA B 31 6.99 16.06 28.41
C ALA B 31 6.64 14.58 28.15
N ASP B 32 5.37 14.20 28.36
CA ASP B 32 4.97 12.82 28.17
C ASP B 32 3.44 12.84 27.79
N TYR B 33 3.16 12.70 26.50
CA TYR B 33 1.79 12.83 26.05
C TYR B 33 1.66 11.72 24.96
N ASN B 34 0.79 10.69 25.24
CA ASN B 34 0.64 9.49 24.38
C ASN B 34 1.98 8.90 24.06
N GLY B 35 2.88 8.96 25.05
CA GLY B 35 4.28 8.54 24.90
C GLY B 35 4.38 7.06 24.66
N SER B 36 3.34 6.31 25.07
CA SER B 36 3.38 4.90 24.88
C SER B 36 2.48 4.44 23.69
N THR B 37 1.86 5.38 22.98
CA THR B 37 0.97 4.94 21.83
C THR B 37 1.77 4.59 20.55
N PHE B 38 1.54 3.41 19.97
CA PHE B 38 2.13 3.09 18.67
C PHE B 38 1.65 4.10 17.62
N MET B 39 2.58 4.66 16.83
CA MET B 39 2.19 5.55 15.75
C MET B 39 3.07 5.32 14.54
N LEU B 40 2.75 6.02 13.46
CA LEU B 40 3.55 5.91 12.23
C LEU B 40 4.75 6.86 12.40
N PRO B 41 5.94 6.32 12.39
CA PRO B 41 7.17 7.15 12.60
C PRO B 41 7.68 7.81 11.29
N ALA B 42 7.18 7.34 10.11
CA ALA B 42 7.67 7.78 8.81
C ALA B 42 9.20 7.77 8.93
N SER B 43 9.84 8.76 8.32
CA SER B 43 11.30 8.63 8.12
C SER B 43 12.11 8.85 9.41
N THR B 44 11.48 9.16 10.54
CA THR B 44 12.26 9.11 11.80
C THR B 44 12.74 7.70 12.04
N GLN B 45 12.06 6.73 11.44
CA GLN B 45 12.48 5.29 11.57
C GLN B 45 13.97 5.14 11.19
N LYS B 46 14.48 6.04 10.34
CA LYS B 46 15.87 5.83 9.82
C LYS B 46 16.95 5.93 10.97
N VAL B 47 16.55 6.53 12.08
CA VAL B 47 17.42 6.58 13.26
C VAL B 47 17.75 5.17 13.71
N PHE B 48 16.79 4.23 13.72
CA PHE B 48 17.08 2.88 14.14
C PHE B 48 18.08 2.30 13.20
N THR B 49 17.87 2.55 11.92
CA THR B 49 18.70 1.90 10.90
C THR B 49 20.13 2.43 11.02
N ALA B 50 20.25 3.73 11.24
CA ALA B 50 21.55 4.35 11.40
C ALA B 50 22.34 3.67 12.51
N VAL B 51 21.72 3.47 13.68
CA VAL B 51 22.40 2.82 14.80
C VAL B 51 22.80 1.37 14.50
N ALA B 52 21.87 0.60 13.95
CA ALA B 52 22.14 -0.79 13.59
C ALA B 52 23.28 -0.87 12.60
N ALA B 53 23.29 0.05 11.63
CA ALA B 53 24.33 -0.03 10.61
C ALA B 53 25.70 0.30 11.28
N LYS B 54 25.75 1.35 12.09
CA LYS B 54 27.00 1.68 12.84
C LYS B 54 27.51 0.45 13.57
N LEU B 55 26.62 -0.22 14.29
CA LEU B 55 27.03 -1.37 15.07
C LEU B 55 27.32 -2.60 14.22
N ALA B 56 26.56 -2.89 13.18
CA ALA B 56 26.83 -4.18 12.58
C ALA B 56 27.74 -4.01 11.36
N LEU B 57 27.78 -2.84 10.74
CA LEU B 57 28.59 -2.75 9.53
C LEU B 57 29.88 -1.99 9.86
N GLY B 58 29.82 -0.94 10.66
CA GLY B 58 31.03 -0.17 10.97
C GLY B 58 31.38 0.88 9.95
N ASP B 59 32.26 1.81 10.35
CA ASP B 59 32.58 2.92 9.55
C ASP B 59 33.41 2.54 8.33
N GLN B 60 33.98 1.37 8.30
CA GLN B 60 34.72 1.00 7.09
C GLN B 60 33.87 0.31 6.02
N PHE B 61 32.60 0.07 6.33
CA PHE B 61 31.70 -0.59 5.39
C PHE B 61 31.52 0.17 4.13
N GLN B 62 31.62 -0.56 3.04
CA GLN B 62 31.37 -0.01 1.70
C GLN B 62 30.53 -0.93 0.85
N PHE B 63 29.63 -0.40 0.03
CA PHE B 63 28.99 -1.33 -0.98
C PHE B 63 29.90 -1.62 -2.15
N GLU B 64 30.02 -2.89 -2.51
CA GLU B 64 30.81 -3.31 -3.66
C GLU B 64 29.97 -3.66 -4.87
N THR B 65 30.37 -3.16 -6.02
CA THR B 65 29.81 -3.61 -7.30
C THR B 65 31.02 -4.18 -8.08
N ALA B 66 30.92 -5.45 -8.47
CA ALA B 66 32.07 -6.21 -9.01
C ALA B 66 31.79 -6.90 -10.38
N LEU B 67 32.87 -7.13 -11.15
CA LEU B 67 32.86 -7.86 -12.42
C LEU B 67 33.67 -9.08 -12.19
N LEU B 68 33.09 -10.23 -12.45
CA LEU B 68 33.83 -11.44 -12.25
C LEU B 68 33.75 -12.29 -13.53
N SER B 69 34.53 -13.36 -13.54
CA SER B 69 34.39 -14.37 -14.59
C SER B 69 35.03 -15.69 -14.20
N ASN B 70 34.34 -16.77 -14.52
CA ASN B 70 34.89 -18.13 -14.37
C ASN B 70 36.02 -18.38 -15.38
N GLY B 71 35.83 -17.89 -16.62
CA GLY B 71 36.71 -18.26 -17.76
C GLY B 71 37.97 -17.43 -17.99
N LYS B 72 38.71 -17.77 -19.05
CA LYS B 72 40.02 -17.17 -19.30
C LYS B 72 40.04 -16.10 -20.42
N ILE B 73 40.78 -15.02 -20.17
CA ILE B 73 41.10 -14.00 -21.18
C ILE B 73 42.30 -14.35 -22.09
N GLN B 74 42.22 -14.00 -23.38
CA GLN B 74 43.24 -14.41 -24.37
C GLN B 74 42.84 -13.97 -25.75
N ASN B 75 43.73 -13.27 -26.45
CA ASN B 75 43.37 -12.70 -27.77
C ASN B 75 42.40 -11.55 -27.67
N GLY B 76 42.29 -11.00 -26.46
CA GLY B 76 41.34 -9.94 -26.21
C GLY B 76 39.96 -10.50 -25.91
N ASN B 77 39.85 -11.80 -25.84
CA ASN B 77 38.56 -12.41 -25.56
C ASN B 77 38.44 -12.82 -24.11
N LEU B 78 37.28 -12.58 -23.50
CA LEU B 78 36.91 -13.27 -22.26
C LEU B 78 36.13 -14.53 -22.56
N ASP B 79 36.79 -15.66 -22.37
CA ASP B 79 36.25 -16.90 -22.85
C ASP B 79 35.30 -17.57 -21.89
N GLY B 80 34.15 -16.93 -21.70
CA GLY B 80 33.17 -17.33 -20.69
C GLY B 80 32.19 -16.20 -20.34
N ASN B 81 31.48 -16.36 -19.23
CA ASN B 81 30.50 -15.33 -18.83
C ASN B 81 31.12 -14.09 -18.22
N LEU B 82 30.46 -12.96 -18.39
CA LEU B 82 30.79 -11.79 -17.58
C LEU B 82 29.74 -11.74 -16.46
N ILE B 83 30.19 -11.85 -15.20
CA ILE B 83 29.29 -11.81 -14.03
C ILE B 83 29.32 -10.38 -13.48
N VAL B 84 28.15 -9.76 -13.34
CA VAL B 84 28.13 -8.45 -12.71
C VAL B 84 27.42 -8.55 -11.38
N SER B 85 28.18 -8.23 -10.35
CA SER B 85 27.78 -8.45 -8.98
C SER B 85 27.28 -7.12 -8.38
N PHE B 86 26.01 -7.08 -7.99
CA PHE B 86 25.42 -5.83 -7.47
C PHE B 86 25.00 -6.13 -6.04
N THR B 87 25.34 -5.28 -5.10
CA THR B 87 25.06 -5.64 -3.69
C THR B 87 24.18 -4.61 -2.98
N GLY B 88 23.53 -3.69 -3.73
CA GLY B 88 22.57 -2.77 -3.18
C GLY B 88 23.10 -1.38 -3.04
N ASP B 89 24.32 -1.12 -3.55
CA ASP B 89 24.87 0.28 -3.55
C ASP B 89 23.77 1.28 -3.90
N PRO B 90 23.37 2.13 -2.96
CA PRO B 90 22.29 3.00 -3.33
C PRO B 90 22.81 4.30 -3.92
N ASP B 91 24.11 4.38 -4.16
CA ASP B 91 24.64 5.70 -4.56
C ASP B 91 25.49 5.48 -5.85
N LEU B 92 25.20 4.44 -6.61
CA LEU B 92 25.95 4.10 -7.79
C LEU B 92 25.42 4.89 -8.99
N THR B 93 26.29 5.69 -9.58
CA THR B 93 25.92 6.40 -10.80
C THR B 93 26.17 5.59 -12.05
N ARG B 94 25.59 6.05 -13.11
CA ARG B 94 25.75 5.43 -14.42
C ARG B 94 27.23 5.58 -14.88
N GLY B 95 27.76 6.79 -14.66
CA GLY B 95 29.21 7.13 -14.77
C GLY B 95 30.16 6.19 -14.04
N GLN B 96 29.87 5.88 -12.76
CA GLN B 96 30.62 4.82 -12.07
C GLN B 96 30.60 3.42 -12.61
N LEU B 97 29.42 2.95 -13.01
CA LEU B 97 29.29 1.63 -13.61
C LEU B 97 30.10 1.55 -14.94
N TYR B 98 30.03 2.62 -15.71
CA TYR B 98 30.75 2.74 -16.97
C TYR B 98 32.28 2.59 -16.72
N SER B 99 32.80 3.38 -15.77
CA SER B 99 34.25 3.28 -15.42
C SER B 99 34.54 1.92 -14.93
N LEU B 100 33.59 1.31 -14.26
CA LEU B 100 33.85 -0.04 -13.83
C LEU B 100 34.03 -1.00 -15.01
N LEU B 101 33.11 -0.90 -15.99
CA LEU B 101 33.14 -1.76 -17.16
C LEU B 101 34.39 -1.41 -18.02
N ALA B 102 34.74 -0.12 -18.08
CA ALA B 102 35.99 0.39 -18.73
C ALA B 102 37.23 -0.36 -18.29
N GLU B 103 37.15 -1.00 -17.13
CA GLU B 103 38.27 -1.71 -16.54
C GLU B 103 38.50 -2.97 -17.34
N LEU B 104 37.46 -3.45 -18.00
CA LEU B 104 37.61 -4.64 -18.83
C LEU B 104 38.48 -4.33 -20.07
N LYS B 105 38.28 -3.13 -20.61
CA LYS B 105 39.07 -2.62 -21.70
C LYS B 105 40.50 -2.56 -21.24
N LYS B 106 40.73 -1.80 -20.16
CA LYS B 106 42.09 -1.61 -19.67
C LYS B 106 42.83 -2.89 -19.59
N GLN B 107 42.16 -4.00 -19.30
CA GLN B 107 42.78 -5.30 -19.33
C GLN B 107 42.70 -5.97 -20.71
N GLY B 108 42.55 -5.17 -21.76
CA GLY B 108 42.45 -5.74 -23.09
C GLY B 108 41.36 -6.76 -23.45
N ILE B 109 40.23 -6.80 -22.72
CA ILE B 109 39.10 -7.62 -23.21
C ILE B 109 38.52 -6.81 -24.34
N LYS B 110 38.43 -7.42 -25.52
CA LYS B 110 37.96 -6.74 -26.74
C LYS B 110 36.55 -7.24 -26.94
N LYS B 111 36.31 -8.41 -26.41
CA LYS B 111 35.09 -9.03 -26.71
C LYS B 111 34.81 -10.16 -25.71
N ILE B 112 33.53 -10.36 -25.39
CA ILE B 112 33.13 -11.31 -24.39
C ILE B 112 32.46 -12.45 -25.08
N ASN B 113 32.88 -13.68 -24.84
CA ASN B 113 32.30 -14.79 -25.60
C ASN B 113 30.99 -15.31 -25.03
N GLY B 114 30.79 -15.12 -23.74
CA GLY B 114 29.70 -15.85 -23.09
C GLY B 114 28.50 -14.96 -22.85
N ASP B 115 27.73 -15.34 -21.84
CA ASP B 115 26.55 -14.60 -21.44
C ASP B 115 26.82 -13.49 -20.41
N LEU B 116 25.95 -12.49 -20.36
CA LEU B 116 25.93 -11.56 -19.22
C LEU B 116 25.12 -12.12 -18.01
N VAL B 117 25.77 -12.29 -16.87
CA VAL B 117 25.08 -12.87 -15.70
C VAL B 117 25.02 -11.85 -14.55
N LEU B 118 23.82 -11.55 -14.06
CA LEU B 118 23.72 -10.63 -12.91
C LEU B 118 23.59 -11.42 -11.61
N ASP B 119 24.49 -11.13 -10.67
CA ASP B 119 24.44 -11.69 -9.32
C ASP B 119 23.87 -10.60 -8.40
N THR B 120 22.63 -10.78 -7.98
CA THR B 120 21.91 -9.86 -7.08
C THR B 120 21.53 -10.67 -5.85
N SER B 121 22.25 -11.75 -5.62
CA SER B 121 21.83 -12.73 -4.65
C SER B 121 21.91 -12.26 -3.16
N VAL B 122 22.55 -11.12 -2.86
CA VAL B 122 22.69 -10.79 -1.44
C VAL B 122 21.35 -10.31 -0.88
N PHE B 123 20.45 -9.85 -1.77
CA PHE B 123 19.07 -9.52 -1.40
C PHE B 123 18.14 -10.60 -1.87
N SER B 124 17.09 -10.81 -1.08
CA SER B 124 16.25 -11.92 -1.28
C SER B 124 14.78 -11.42 -1.16
N SER B 125 13.85 -12.17 -1.81
CA SER B 125 12.42 -11.86 -1.84
C SER B 125 12.15 -10.49 -2.49
N HIS B 126 11.08 -9.80 -2.14
CA HIS B 126 10.75 -8.57 -2.90
C HIS B 126 11.68 -7.44 -2.55
N ASP B 127 11.69 -6.39 -3.35
CA ASP B 127 12.52 -5.22 -3.09
C ASP B 127 11.61 -4.11 -2.64
N ARG B 128 10.40 -4.44 -2.16
CA ARG B 128 9.57 -3.43 -1.52
C ARG B 128 9.22 -3.90 -0.14
N GLY B 129 9.11 -3.00 0.81
CA GLY B 129 8.66 -3.41 2.10
C GLY B 129 7.17 -3.81 2.06
N LEU B 130 6.78 -4.67 2.98
CA LEU B 130 5.34 -4.90 3.20
C LEU B 130 4.63 -3.65 3.77
N GLY B 131 3.44 -3.34 3.25
CA GLY B 131 2.62 -2.27 3.83
C GLY B 131 2.94 -1.01 3.09
N TRP B 132 3.79 -1.10 2.08
CA TRP B 132 3.91 0.10 1.18
C TRP B 132 2.70 0.27 0.30
N ILE B 133 2.37 1.51 -0.01
CA ILE B 133 1.18 1.82 -0.77
C ILE B 133 1.42 1.67 -2.30
N TRP B 134 0.46 1.03 -3.00
CA TRP B 134 0.77 0.63 -4.35
C TRP B 134 0.91 1.87 -5.25
N ASN B 135 0.12 2.89 -5.02
CA ASN B 135 0.10 3.94 -6.03
C ASN B 135 1.33 4.84 -5.90
N ASP B 136 2.09 4.73 -4.84
CA ASP B 136 3.33 5.51 -4.72
C ASP B 136 4.51 4.81 -5.38
N LEU B 137 4.36 3.53 -5.76
CA LEU B 137 5.48 2.77 -6.23
C LEU B 137 6.16 3.33 -7.53
N THR B 138 5.42 4.11 -8.30
CA THR B 138 5.99 4.78 -9.49
C THR B 138 6.72 6.13 -9.21
N MET B 139 6.58 6.62 -7.99
CA MET B 139 7.19 7.90 -7.62
C MET B 139 8.65 7.65 -7.32
N CYS B 140 9.45 8.62 -7.67
CA CYS B 140 10.89 8.43 -7.54
C CYS B 140 11.36 8.35 -6.03
N PHE B 141 10.68 9.02 -5.13
CA PHE B 141 11.03 8.91 -3.69
C PHE B 141 10.86 7.48 -3.19
N ASN B 142 10.08 6.69 -3.94
CA ASN B 142 9.80 5.31 -3.56
C ASN B 142 10.47 4.31 -4.51
N SER B 143 11.59 4.68 -5.15
CA SER B 143 12.20 3.75 -6.10
C SER B 143 12.78 2.59 -5.31
N PRO B 144 12.85 1.39 -5.94
CA PRO B 144 13.12 0.19 -5.16
C PRO B 144 14.55 0.13 -4.70
N PRO B 145 14.77 -0.12 -3.39
CA PRO B 145 16.14 -0.29 -2.87
C PRO B 145 16.66 -1.72 -3.20
N ALA B 146 16.81 -1.94 -4.49
CA ALA B 146 17.13 -3.25 -5.02
C ALA B 146 18.67 -3.43 -5.02
N ALA B 147 19.12 -4.63 -5.31
CA ALA B 147 20.52 -4.93 -5.37
C ALA B 147 21.14 -4.09 -6.49
N ALA B 148 20.47 -4.08 -7.63
CA ALA B 148 20.90 -3.22 -8.70
C ALA B 148 20.28 -1.86 -8.60
N ASN B 149 21.07 -0.79 -8.52
CA ASN B 149 20.50 0.50 -8.29
C ASN B 149 21.38 1.48 -9.02
N ILE B 150 20.87 2.08 -10.08
CA ILE B 150 21.69 2.93 -10.94
C ILE B 150 21.00 4.26 -11.01
N ASP B 151 21.73 5.34 -10.73
CA ASP B 151 21.14 6.69 -10.69
C ASP B 151 19.79 6.65 -9.93
N ASN B 152 19.84 6.06 -8.72
CA ASN B 152 18.73 6.16 -7.70
C ASN B 152 17.51 5.41 -8.26
N ASN B 153 17.75 4.63 -9.30
CA ASN B 153 16.65 3.86 -9.95
C ASN B 153 15.50 4.75 -10.27
N CYS B 154 15.80 5.97 -10.75
CA CYS B 154 14.81 6.93 -11.21
C CYS B 154 15.09 7.36 -12.68
N PHE B 155 14.06 7.79 -13.42
CA PHE B 155 14.27 8.38 -14.75
C PHE B 155 13.29 9.50 -14.84
N TYR B 156 13.34 10.29 -15.91
CA TYR B 156 12.28 11.26 -16.14
C TYR B 156 11.86 11.19 -17.59
N ALA B 157 10.67 11.70 -17.83
CA ALA B 157 10.17 11.85 -19.18
C ALA B 157 9.99 13.34 -19.36
N GLU B 158 10.11 13.80 -20.60
CA GLU B 158 9.88 15.22 -20.99
C GLU B 158 8.49 15.37 -21.47
N LEU B 159 7.77 16.32 -20.90
CA LEU B 159 6.40 16.56 -21.24
C LEU B 159 6.20 17.97 -21.85
N ASP B 160 5.28 18.05 -22.81
CA ASP B 160 4.93 19.34 -23.35
C ASP B 160 3.44 19.39 -23.30
N ALA B 161 2.92 20.23 -22.41
CA ALA B 161 1.49 20.30 -22.14
C ALA B 161 0.93 21.69 -22.51
N ASN B 162 1.68 22.36 -23.38
CA ASN B 162 1.27 23.66 -23.87
C ASN B 162 0.25 23.54 -24.98
N LYS B 163 -0.99 23.27 -24.64
CA LYS B 163 -1.94 22.99 -25.70
C LYS B 163 -3.35 23.30 -25.31
N ASN B 164 -4.20 23.40 -26.29
CA ASN B 164 -5.57 23.61 -25.97
C ASN B 164 -6.19 22.40 -25.38
N PRO B 165 -7.14 22.63 -24.49
CA PRO B 165 -8.03 21.68 -23.95
C PRO B 165 -8.41 20.69 -25.01
N GLY B 166 -8.31 19.40 -24.67
CA GLY B 166 -8.75 18.30 -25.53
C GLY B 166 -7.55 17.73 -26.28
N GLU B 167 -6.53 18.54 -26.48
CA GLU B 167 -5.39 18.04 -27.24
C GLU B 167 -4.51 17.13 -26.36
N ILE B 168 -3.68 16.32 -27.02
CA ILE B 168 -2.85 15.32 -26.34
C ILE B 168 -1.51 15.92 -25.92
N VAL B 169 -1.11 15.69 -24.68
CA VAL B 169 0.18 16.12 -24.22
C VAL B 169 1.27 15.27 -24.86
N LYS B 170 2.40 15.91 -25.18
CA LYS B 170 3.51 15.17 -25.77
C LYS B 170 4.47 14.70 -24.71
N ILE B 171 4.74 13.40 -24.68
CA ILE B 171 5.58 12.81 -23.68
C ILE B 171 6.73 12.10 -24.38
N ASN B 172 7.99 12.53 -24.23
CA ASN B 172 9.10 11.74 -24.79
C ASN B 172 9.97 11.19 -23.69
N VAL B 173 10.46 9.98 -23.84
CA VAL B 173 11.47 9.49 -22.95
C VAL B 173 12.87 9.80 -23.54
N PRO B 174 13.74 10.58 -22.83
CA PRO B 174 15.12 10.89 -23.28
C PRO B 174 15.84 9.63 -23.65
N ALA B 175 16.73 9.72 -24.64
CA ALA B 175 17.42 8.52 -25.20
C ALA B 175 18.26 7.74 -24.19
N GLN B 176 18.70 8.36 -23.11
CA GLN B 176 19.46 7.56 -22.16
C GLN B 176 18.68 6.45 -21.39
N PHE B 177 17.36 6.52 -21.37
CA PHE B 177 16.59 5.59 -20.49
C PHE B 177 16.03 4.43 -21.29
N PRO B 178 16.37 3.17 -20.96
CA PRO B 178 15.70 2.08 -21.65
C PRO B 178 14.26 1.82 -21.11
N ILE B 179 13.39 2.80 -21.29
CA ILE B 179 12.00 2.72 -20.80
C ILE B 179 11.02 3.03 -21.87
N GLN B 180 9.79 2.49 -21.77
CA GLN B 180 8.66 2.99 -22.58
C GLN B 180 7.62 3.72 -21.76
N VAL B 181 7.17 4.89 -22.23
CA VAL B 181 5.96 5.46 -21.66
C VAL B 181 4.89 5.42 -22.77
N PHE B 182 3.73 4.84 -22.51
CA PHE B 182 2.73 4.65 -23.55
C PHE B 182 1.31 5.06 -23.09
N GLY B 183 0.32 5.14 -23.99
CA GLY B 183 -1.00 5.68 -23.57
C GLY B 183 -1.06 7.16 -23.86
N GLN B 184 -2.09 7.84 -23.40
CA GLN B 184 -2.29 9.24 -23.70
C GLN B 184 -2.86 10.09 -22.58
N VAL B 185 -2.21 11.22 -22.34
CA VAL B 185 -2.68 12.25 -21.42
C VAL B 185 -3.19 13.47 -22.22
N TYR B 186 -4.39 13.96 -21.89
CA TYR B 186 -4.92 15.13 -22.55
C TYR B 186 -4.87 16.38 -21.65
N VAL B 187 -4.76 17.55 -22.27
CA VAL B 187 -4.85 18.85 -21.57
C VAL B 187 -6.34 19.07 -21.12
N ALA B 188 -6.55 19.44 -19.86
CA ALA B 188 -7.95 19.69 -19.40
C ALA B 188 -8.17 21.21 -19.39
N ASP B 189 -9.37 21.70 -19.74
CA ASP B 189 -9.65 23.15 -19.46
C ASP B 189 -9.73 23.44 -17.94
N SER B 190 -9.54 24.70 -17.55
CA SER B 190 -9.54 25.14 -16.13
C SER B 190 -10.74 24.69 -15.23
N ASN B 191 -11.93 24.48 -15.81
CA ASN B 191 -13.02 23.73 -15.16
C ASN B 191 -12.62 22.33 -14.64
N GLU B 192 -12.49 21.36 -15.56
CA GLU B 192 -12.13 19.97 -15.20
C GLU B 192 -10.74 19.86 -14.59
N ALA B 193 -9.90 20.86 -14.89
CA ALA B 193 -8.50 20.92 -14.45
C ALA B 193 -8.22 20.74 -12.96
N PRO B 194 -9.10 21.28 -12.07
CA PRO B 194 -8.81 21.07 -10.65
C PRO B 194 -9.03 19.58 -10.22
N TYR B 195 -9.92 18.86 -10.95
CA TYR B 195 -10.14 17.39 -10.85
C TYR B 195 -9.05 16.44 -11.40
N CYS B 196 -8.10 16.95 -12.19
CA CYS B 196 -7.22 16.06 -12.95
C CYS B 196 -6.43 15.10 -12.09
N GLN B 197 -6.36 13.87 -12.58
CA GLN B 197 -5.39 12.90 -12.13
C GLN B 197 -4.62 12.43 -13.38
N LEU B 198 -3.32 12.29 -13.20
CA LEU B 198 -2.46 11.55 -14.07
C LEU B 198 -2.32 10.15 -13.49
N ASP B 199 -2.74 9.12 -14.22
CA ASP B 199 -2.64 7.72 -13.81
C ASP B 199 -1.43 7.12 -14.45
N VAL B 200 -0.68 6.35 -13.67
CA VAL B 200 0.42 5.60 -14.20
C VAL B 200 0.28 4.18 -13.86
N VAL B 201 0.27 3.29 -14.85
CA VAL B 201 0.03 1.88 -14.58
C VAL B 201 1.25 1.17 -15.09
N VAL B 202 1.79 0.29 -14.29
CA VAL B 202 3.04 -0.35 -14.60
C VAL B 202 2.80 -1.63 -15.35
N HIS B 203 3.56 -1.86 -16.44
CA HIS B 203 3.52 -3.18 -17.11
C HIS B 203 4.91 -3.85 -17.13
N ASP B 204 5.08 -5.08 -17.60
CA ASP B 204 6.42 -5.71 -17.44
C ASP B 204 7.44 -4.94 -18.25
N ASN B 205 8.70 -5.13 -17.87
CA ASN B 205 9.84 -4.57 -18.60
C ASN B 205 9.82 -3.07 -18.73
N ASN B 206 9.54 -2.41 -17.62
CA ASN B 206 9.66 -0.97 -17.56
C ASN B 206 8.86 -0.30 -18.69
N ARG B 207 7.57 -0.69 -18.85
CA ARG B 207 6.66 -0.02 -19.75
C ARG B 207 5.57 0.59 -18.86
N TYR B 208 5.37 1.90 -19.00
CA TYR B 208 4.52 2.66 -18.11
C TYR B 208 3.41 3.19 -18.93
N GLN B 209 2.19 2.80 -18.61
CA GLN B 209 1.04 3.35 -19.23
C GLN B 209 0.53 4.59 -18.51
N VAL B 210 0.42 5.70 -19.24
CA VAL B 210 -0.15 6.91 -18.65
C VAL B 210 -1.56 7.12 -19.17
N LYS B 211 -2.42 7.66 -18.31
CA LYS B 211 -3.81 8.03 -18.70
C LYS B 211 -4.19 9.26 -17.91
N GLY B 212 -5.32 9.88 -18.26
CA GLY B 212 -5.77 11.04 -17.48
C GLY B 212 -5.51 12.39 -18.15
N CYS B 213 -5.29 13.42 -17.34
CA CYS B 213 -5.20 14.76 -17.86
C CYS B 213 -4.37 15.58 -16.94
N LEU B 214 -4.08 16.78 -17.42
CA LEU B 214 -3.21 17.77 -16.81
C LEU B 214 -3.71 19.17 -17.25
N ALA B 215 -3.44 20.16 -16.39
CA ALA B 215 -3.79 21.56 -16.68
C ALA B 215 -2.79 22.07 -17.71
N ARG B 216 -3.25 22.89 -18.65
CA ARG B 216 -2.26 23.42 -19.62
C ARG B 216 -1.05 23.97 -18.87
N GLN B 217 0.12 23.77 -19.41
CA GLN B 217 1.28 24.49 -18.94
C GLN B 217 2.17 24.95 -20.13
N TYR B 218 2.70 26.18 -20.00
CA TYR B 218 3.36 26.86 -21.12
C TYR B 218 4.65 26.24 -21.53
N LYS B 219 5.45 25.89 -20.56
CA LYS B 219 6.81 25.47 -20.83
C LYS B 219 6.95 23.95 -20.65
N PRO B 220 7.68 23.28 -21.56
CA PRO B 220 8.02 21.89 -21.27
C PRO B 220 8.37 21.76 -19.79
N PHE B 221 8.34 20.53 -19.24
CA PHE B 221 8.87 20.19 -17.90
C PHE B 221 9.13 18.67 -17.90
N GLY B 222 9.88 18.18 -16.93
CA GLY B 222 10.10 16.73 -16.74
C GLY B 222 9.31 16.14 -15.57
N LEU B 223 8.84 14.89 -15.69
CA LEU B 223 8.31 14.15 -14.57
C LEU B 223 9.20 12.96 -14.34
N SER B 224 9.50 12.71 -13.08
CA SER B 224 10.33 11.57 -12.72
C SER B 224 9.55 10.39 -12.34
N PHE B 225 10.11 9.21 -12.50
CA PHE B 225 9.42 8.01 -12.16
C PHE B 225 10.41 7.06 -11.64
N ALA B 226 9.95 6.14 -10.86
CA ALA B 226 10.81 5.04 -10.47
C ALA B 226 10.89 3.91 -11.47
N VAL B 227 12.10 3.37 -11.64
CA VAL B 227 12.33 2.21 -12.40
C VAL B 227 11.68 1.06 -11.61
N GLN B 228 11.03 0.14 -12.36
CA GLN B 228 10.29 -0.93 -11.70
C GLN B 228 11.00 -2.25 -11.70
N ASN B 229 11.48 -2.68 -12.87
CA ASN B 229 12.25 -3.90 -12.98
C ASN B 229 13.75 -3.50 -13.04
N THR B 230 14.45 -3.63 -11.93
CA THR B 230 15.70 -2.97 -11.81
C THR B 230 16.76 -3.88 -12.44
N ASP B 231 16.52 -5.20 -12.46
CA ASP B 231 17.40 -6.09 -13.15
C ASP B 231 17.42 -5.91 -14.65
N ALA B 232 16.29 -5.74 -15.29
CA ALA B 232 16.21 -5.50 -16.74
C ALA B 232 16.79 -4.13 -17.05
N TYR B 233 16.55 -3.16 -16.17
CA TYR B 233 17.07 -1.86 -16.42
C TYR B 233 18.60 -1.91 -16.38
N ALA B 234 19.13 -2.53 -15.34
CA ALA B 234 20.57 -2.63 -15.17
C ALA B 234 21.17 -3.36 -16.38
N ALA B 235 20.64 -4.53 -16.72
CA ALA B 235 21.14 -5.26 -17.90
C ALA B 235 21.10 -4.49 -19.23
N ALA B 236 20.04 -3.73 -19.50
CA ALA B 236 19.94 -2.94 -20.67
C ALA B 236 21.04 -1.83 -20.62
N ILE B 237 21.28 -1.24 -19.46
CA ILE B 237 22.31 -0.19 -19.41
C ILE B 237 23.76 -0.75 -19.60
N ILE B 238 24.07 -1.87 -18.97
CA ILE B 238 25.35 -2.50 -19.16
C ILE B 238 25.57 -2.83 -20.68
N GLN B 239 24.54 -3.29 -21.38
CA GLN B 239 24.74 -3.67 -22.77
C GLN B 239 25.05 -2.46 -23.63
N ARG B 240 24.40 -1.35 -23.36
CA ARG B 240 24.69 -0.13 -24.08
C ARG B 240 26.10 0.36 -23.74
N GLN B 241 26.54 0.12 -22.51
CA GLN B 241 27.85 0.58 -22.10
C GLN B 241 28.92 -0.27 -22.76
N LEU B 242 28.71 -1.57 -22.85
CA LEU B 242 29.65 -2.41 -23.50
C LEU B 242 29.86 -1.96 -24.97
N ARG B 243 28.77 -1.81 -25.72
CA ARG B 243 28.83 -1.13 -27.02
C ARG B 243 29.59 0.17 -26.99
N LYS B 244 29.30 1.06 -26.08
CA LYS B 244 30.00 2.32 -26.14
C LYS B 244 31.51 2.08 -25.95
N LEU B 245 31.86 1.13 -25.12
CA LEU B 245 33.26 0.87 -24.77
C LEU B 245 33.94 0.17 -25.92
N GLY B 246 33.13 -0.29 -26.87
CA GLY B 246 33.57 -1.10 -27.99
C GLY B 246 33.99 -2.48 -27.55
N ILE B 247 33.34 -3.03 -26.53
CA ILE B 247 33.61 -4.43 -26.14
C ILE B 247 32.50 -5.25 -26.68
N GLU B 248 32.79 -6.34 -27.36
CA GLU B 248 31.75 -6.98 -28.13
C GLU B 248 30.99 -8.08 -27.42
N PHE B 249 29.66 -8.01 -27.49
CA PHE B 249 28.87 -8.95 -26.75
C PHE B 249 27.64 -9.31 -27.55
N ASN B 250 27.32 -10.59 -27.59
CA ASN B 250 26.08 -10.98 -28.23
C ASN B 250 25.52 -12.16 -27.49
N GLY B 251 25.63 -12.20 -26.16
CA GLY B 251 25.05 -13.32 -25.40
C GLY B 251 23.64 -13.01 -24.88
N LYS B 252 23.10 -13.88 -24.06
CA LYS B 252 21.88 -13.47 -23.35
C LYS B 252 22.17 -12.93 -21.95
N VAL B 253 21.15 -12.29 -21.37
CA VAL B 253 21.16 -11.90 -19.98
C VAL B 253 20.58 -13.00 -19.06
N LEU B 254 21.32 -13.42 -18.04
CA LEU B 254 20.76 -14.39 -17.10
C LEU B 254 20.66 -13.78 -15.69
N LEU B 255 19.65 -14.19 -14.96
CA LEU B 255 19.40 -13.61 -13.65
C LEU B 255 19.24 -14.76 -12.69
N PRO B 256 20.33 -15.41 -12.30
CA PRO B 256 20.22 -16.48 -11.30
C PRO B 256 19.96 -15.95 -9.88
N GLN B 257 19.61 -16.83 -8.98
CA GLN B 257 19.27 -16.32 -7.65
C GLN B 257 20.41 -16.56 -6.69
N LYS B 258 21.45 -17.26 -7.13
CA LYS B 258 22.42 -17.76 -6.19
C LYS B 258 23.69 -17.00 -6.44
N PRO B 259 24.58 -16.95 -5.44
CA PRO B 259 25.82 -16.23 -5.60
C PRO B 259 26.53 -16.87 -6.78
N GLN B 260 27.32 -16.10 -7.49
CA GLN B 260 27.97 -16.59 -8.68
C GLN B 260 29.47 -16.75 -8.45
N GLN B 261 29.92 -18.00 -8.40
CA GLN B 261 31.34 -18.38 -8.31
C GLN B 261 32.24 -17.68 -9.34
N GLY B 262 33.20 -16.87 -8.93
CA GLY B 262 34.10 -16.39 -9.95
C GLY B 262 35.42 -15.73 -9.60
N GLN B 263 36.22 -15.54 -10.64
CA GLN B 263 37.49 -14.86 -10.52
C GLN B 263 37.22 -13.39 -10.63
N LEU B 264 37.72 -12.63 -9.68
CA LEU B 264 37.46 -11.21 -9.65
C LEU B 264 38.20 -10.42 -10.72
N LEU B 265 37.52 -9.68 -11.60
CA LEU B 265 38.23 -8.85 -12.57
C LEU B 265 38.36 -7.41 -12.15
N ALA B 266 37.35 -6.84 -11.52
CA ALA B 266 37.41 -5.44 -11.10
C ALA B 266 36.29 -5.15 -10.12
N LYS B 267 36.40 -4.06 -9.36
CA LYS B 267 35.44 -3.80 -8.29
C LYS B 267 35.34 -2.31 -8.17
N HIS B 268 34.15 -1.80 -7.82
CA HIS B 268 33.99 -0.40 -7.52
C HIS B 268 33.48 -0.38 -6.07
N LEU B 269 33.86 0.60 -5.28
CA LEU B 269 33.42 0.63 -3.87
C LEU B 269 32.66 1.91 -3.69
N SER B 270 31.55 1.91 -2.95
CA SER B 270 30.87 3.19 -2.69
C SER B 270 31.63 3.98 -1.65
N LYS B 271 31.23 5.20 -1.46
CA LYS B 271 31.58 5.88 -0.26
C LYS B 271 31.32 4.97 0.97
N PRO B 272 32.09 5.20 2.07
CA PRO B 272 31.92 4.35 3.25
C PRO B 272 30.75 4.81 4.11
N LEU B 273 30.31 3.91 4.96
CA LEU B 273 29.21 4.14 5.88
C LEU B 273 29.04 5.57 6.43
N PRO B 274 30.11 6.22 6.97
CA PRO B 274 29.77 7.55 7.50
C PRO B 274 29.19 8.52 6.48
N ASP B 275 29.66 8.46 5.22
CA ASP B 275 29.14 9.41 4.22
C ASP B 275 27.68 9.06 3.81
N LEU B 276 27.40 7.78 3.63
CA LEU B 276 26.05 7.28 3.29
C LEU B 276 25.02 7.61 4.38
N LEU B 277 25.41 7.40 5.65
CA LEU B 277 24.56 7.69 6.81
C LEU B 277 24.33 9.16 6.84
N LYS B 278 25.33 9.95 6.51
CA LYS B 278 25.07 11.40 6.64
C LYS B 278 24.10 11.89 5.59
N LYS B 279 24.23 11.35 4.39
CA LYS B 279 23.29 11.77 3.34
C LYS B 279 21.88 11.22 3.69
N MET B 280 21.83 10.01 4.22
CA MET B 280 20.52 9.40 4.58
C MET B 280 19.86 10.29 5.62
N MET B 281 20.59 10.63 6.68
CA MET B 281 20.03 11.41 7.79
C MET B 281 19.72 12.88 7.42
N LYS B 282 20.60 13.53 6.65
CA LYS B 282 20.41 14.96 6.29
C LYS B 282 19.31 15.13 5.26
N LYS B 283 19.29 14.29 4.25
CA LYS B 283 18.38 14.54 3.15
C LYS B 283 17.23 13.58 3.20
N SER B 284 17.37 12.51 3.97
CA SER B 284 16.27 11.54 4.20
C SER B 284 16.07 10.77 2.94
N ASP B 285 17.08 10.03 2.59
CA ASP B 285 17.11 9.23 1.40
C ASP B 285 16.57 7.84 1.73
N ASN B 286 15.36 7.59 1.22
CA ASN B 286 14.68 6.33 1.45
C ASN B 286 15.49 5.16 0.99
N GLN B 287 16.13 5.32 -0.19
CA GLN B 287 16.81 4.14 -0.76
C GLN B 287 18.10 3.78 0.06
N ILE B 288 18.82 4.78 0.55
CA ILE B 288 20.00 4.44 1.39
C ILE B 288 19.52 3.69 2.67
N ALA B 289 18.43 4.20 3.27
CA ALA B 289 17.95 3.55 4.46
C ALA B 289 17.57 2.12 4.21
N ASP B 290 16.78 1.82 3.18
CA ASP B 290 16.38 0.42 2.93
C ASP B 290 17.49 -0.48 2.43
N SER B 291 18.46 0.06 1.69
CA SER B 291 19.65 -0.77 1.35
C SER B 291 20.44 -1.11 2.59
N LEU B 292 20.75 -0.12 3.42
CA LEU B 292 21.54 -0.42 4.66
C LEU B 292 20.75 -1.46 5.50
N PHE B 293 19.43 -1.29 5.53
CA PHE B 293 18.56 -2.11 6.36
C PHE B 293 18.80 -3.55 5.98
N ARG B 294 18.79 -3.87 4.70
CA ARG B 294 19.06 -5.25 4.35
C ARG B 294 20.54 -5.61 4.29
N ALA B 295 21.39 -4.63 4.02
CA ALA B 295 22.87 -4.93 4.10
C ALA B 295 23.20 -5.30 5.55
N VAL B 296 22.54 -4.70 6.52
CA VAL B 296 22.75 -5.05 7.91
C VAL B 296 22.38 -6.54 8.09
N ALA B 297 21.16 -6.92 7.66
CA ALA B 297 20.80 -8.35 7.76
C ALA B 297 21.75 -9.23 7.01
N PHE B 298 22.10 -8.86 5.78
CA PHE B 298 22.97 -9.77 5.02
C PHE B 298 24.26 -10.09 5.79
N ASN B 299 24.88 -9.03 6.31
CA ASN B 299 26.21 -9.22 6.96
C ASN B 299 26.05 -9.83 8.33
N TYR B 300 24.97 -9.48 9.02
CA TYR B 300 24.74 -9.96 10.35
C TYR B 300 24.38 -11.48 10.40
N TYR B 301 23.53 -11.92 9.47
CA TYR B 301 23.11 -13.32 9.46
C TYR B 301 23.93 -14.13 8.47
N LYS B 302 24.77 -13.50 7.66
CA LYS B 302 25.50 -14.23 6.57
C LYS B 302 24.56 -15.02 5.67
N ARG B 303 23.45 -14.46 5.25
CA ARG B 303 22.52 -15.11 4.31
C ARG B 303 21.80 -14.04 3.49
N PRO B 304 21.25 -14.42 2.34
CA PRO B 304 20.53 -13.42 1.52
C PRO B 304 19.38 -12.79 2.36
N ALA B 305 19.14 -11.49 2.16
CA ALA B 305 18.35 -10.65 3.06
C ALA B 305 17.01 -10.15 2.46
N SER B 306 15.89 -10.54 3.05
CA SER B 306 14.56 -10.05 2.73
C SER B 306 14.35 -8.86 3.65
N PHE B 307 13.34 -8.02 3.40
CA PHE B 307 12.96 -7.03 4.45
C PHE B 307 12.65 -7.66 5.83
N GLN B 308 12.09 -8.86 5.82
CA GLN B 308 11.76 -9.55 7.10
C GLN B 308 13.04 -9.87 7.83
N LEU B 309 14.06 -10.37 7.12
CA LEU B 309 15.36 -10.53 7.74
C LEU B 309 15.95 -9.20 8.26
N GLY B 310 15.82 -8.12 7.50
CA GLY B 310 16.19 -6.78 8.00
C GLY B 310 15.58 -6.44 9.34
N THR B 311 14.26 -6.60 9.46
CA THR B 311 13.53 -6.41 10.74
C THR B 311 14.16 -7.24 11.88
N LEU B 312 14.42 -8.50 11.62
CA LEU B 312 14.91 -9.35 12.65
C LEU B 312 16.29 -8.85 13.11
N ALA B 313 17.15 -8.52 12.13
CA ALA B 313 18.52 -8.06 12.41
C ALA B 313 18.55 -6.74 13.19
N VAL B 314 17.79 -5.76 12.76
CA VAL B 314 17.84 -4.46 13.38
C VAL B 314 17.37 -4.58 14.85
N LYS B 315 16.31 -5.36 15.09
CA LYS B 315 15.84 -5.53 16.45
C LYS B 315 16.83 -6.27 17.31
N SER B 316 17.40 -7.32 16.76
CA SER B 316 18.31 -8.13 17.51
C SER B 316 19.55 -7.31 17.86
N ILE B 317 20.03 -6.48 16.94
CA ILE B 317 21.21 -5.63 17.20
C ILE B 317 20.95 -4.59 18.27
N LEU B 318 19.82 -3.90 18.19
CA LEU B 318 19.54 -2.84 19.14
C LEU B 318 19.18 -3.44 20.54
N GLN B 319 18.44 -4.55 20.54
CA GLN B 319 18.22 -5.37 21.76
C GLN B 319 19.50 -5.71 22.47
N LYS B 320 20.51 -6.18 21.75
CA LYS B 320 21.78 -6.35 22.35
C LYS B 320 22.28 -5.10 23.12
N GLN B 321 21.92 -3.90 22.72
CA GLN B 321 22.38 -2.72 23.39
C GLN B 321 21.39 -2.22 24.44
N GLY B 322 20.34 -2.99 24.72
CA GLY B 322 19.41 -2.64 25.81
C GLY B 322 18.13 -1.98 25.34
N ILE B 323 17.99 -1.74 24.04
CA ILE B 323 16.78 -1.14 23.53
C ILE B 323 15.65 -2.18 23.56
N ARG B 324 14.47 -1.82 24.00
CA ARG B 324 13.37 -2.81 24.00
C ARG B 324 12.30 -2.34 23.07
N PHE B 325 11.84 -3.25 22.23
CA PHE B 325 10.81 -2.95 21.20
C PHE B 325 9.35 -3.36 21.54
N GLY B 326 9.17 -4.26 22.52
CA GLY B 326 7.82 -4.81 22.84
C GLY B 326 7.26 -5.33 21.50
N ASN B 327 6.02 -4.96 21.17
CA ASN B 327 5.45 -5.50 19.98
C ASN B 327 5.44 -4.45 18.81
N SER B 328 6.42 -3.55 18.79
CA SER B 328 6.60 -2.56 17.69
C SER B 328 6.62 -3.27 16.37
N ILE B 329 6.17 -2.64 15.30
CA ILE B 329 6.35 -3.25 14.03
C ILE B 329 7.38 -2.39 13.26
N LEU B 330 8.50 -2.98 12.87
CA LEU B 330 9.50 -2.21 12.06
C LEU B 330 9.55 -2.98 10.74
N ALA B 331 8.75 -2.57 9.75
CA ALA B 331 8.62 -3.36 8.49
C ALA B 331 9.73 -2.97 7.48
N ASP B 332 10.36 -1.80 7.67
CA ASP B 332 11.41 -1.31 6.74
C ASP B 332 12.41 -0.40 7.51
N GLY B 333 13.44 0.05 6.81
CA GLY B 333 14.43 0.90 7.48
C GLY B 333 14.10 2.34 7.14
N SER B 334 13.29 2.58 6.11
CA SER B 334 13.04 3.97 5.75
C SER B 334 11.79 4.59 6.44
N GLY B 335 10.91 3.74 6.96
CA GLY B 335 9.70 4.29 7.53
C GLY B 335 8.53 4.39 6.57
N LEU B 336 8.68 3.92 5.31
CA LEU B 336 7.60 4.11 4.32
C LEU B 336 6.37 3.23 4.64
N SER B 337 6.55 2.10 5.31
CA SER B 337 5.45 1.21 5.42
C SER B 337 4.28 1.78 6.29
N ARG B 338 3.07 1.59 5.82
CA ARG B 338 1.90 1.94 6.59
C ARG B 338 1.61 0.93 7.69
N HIS B 339 2.36 -0.17 7.75
CA HIS B 339 2.29 -1.09 8.90
C HIS B 339 3.21 -0.74 10.07
N ASN B 340 4.14 0.22 9.93
CA ASN B 340 5.11 0.54 11.00
C ASN B 340 4.28 1.04 12.18
N LEU B 341 4.73 0.67 13.38
CA LEU B 341 4.07 1.05 14.65
C LEU B 341 5.20 1.17 15.66
N VAL B 342 5.39 2.37 16.11
CA VAL B 342 6.41 2.64 17.13
C VAL B 342 5.92 3.70 18.09
N ALA B 343 6.24 3.55 19.38
CA ALA B 343 5.79 4.59 20.34
C ALA B 343 6.92 5.59 20.48
N PRO B 344 6.57 6.85 20.78
CA PRO B 344 7.53 7.92 21.00
C PRO B 344 8.60 7.48 21.98
N LYS B 345 8.22 6.79 23.04
CA LYS B 345 9.25 6.44 24.05
C LYS B 345 10.27 5.47 23.54
N THR B 346 9.88 4.63 22.61
CA THR B 346 10.90 3.71 22.08
C THR B 346 11.93 4.49 21.20
N MET B 347 11.45 5.38 20.36
CA MET B 347 12.36 6.23 19.53
C MET B 347 13.27 7.01 20.54
N LEU B 348 12.66 7.48 21.62
CA LEU B 348 13.44 8.26 22.63
C LEU B 348 14.54 7.45 23.24
N SER B 349 14.30 6.20 23.62
CA SER B 349 15.39 5.43 24.18
C SER B 349 16.55 5.35 23.16
N VAL B 350 16.25 5.34 21.87
CA VAL B 350 17.37 5.25 20.90
C VAL B 350 18.15 6.57 20.80
N LEU B 351 17.43 7.65 20.85
CA LEU B 351 18.07 8.94 20.88
C LEU B 351 18.98 9.04 22.12
N GLU B 352 18.58 8.48 23.24
CA GLU B 352 19.42 8.57 24.43
C GLU B 352 20.63 7.71 24.20
N TYR B 353 20.44 6.53 23.65
CA TYR B 353 21.58 5.71 23.36
C TYR B 353 22.56 6.42 22.43
N ILE B 354 22.04 7.10 21.41
CA ILE B 354 22.86 7.90 20.51
C ILE B 354 23.63 9.00 21.28
N ALA B 355 22.95 9.75 22.16
CA ALA B 355 23.67 10.88 22.82
C ALA B 355 24.74 10.33 23.78
N LYS B 356 24.37 9.32 24.56
CA LYS B 356 25.28 8.61 25.45
C LYS B 356 26.52 8.12 24.73
N ASN B 357 26.37 7.56 23.53
CA ASN B 357 27.50 6.88 22.88
C ASN B 357 28.09 7.68 21.74
N GLU B 358 27.90 8.98 21.81
CA GLU B 358 28.32 9.87 20.76
C GLU B 358 29.83 9.77 20.51
N ASP B 359 30.63 9.62 21.56
CA ASP B 359 32.11 9.52 21.39
C ASP B 359 32.46 8.34 20.47
N LYS B 360 31.64 7.29 20.49
CA LYS B 360 31.86 6.14 19.63
C LYS B 360 31.13 6.29 18.26
N LEU B 361 29.88 6.77 18.25
CA LEU B 361 29.04 6.55 17.10
C LEU B 361 29.14 7.70 16.14
N HIS B 362 29.39 8.89 16.69
CA HIS B 362 29.39 10.14 15.93
C HIS B 362 28.19 10.24 15.04
N LEU B 363 26.98 9.98 15.55
CA LEU B 363 25.79 10.12 14.75
C LEU B 363 25.17 11.51 14.93
N MET B 364 25.57 12.27 15.95
CA MET B 364 24.91 13.57 16.15
C MET B 364 25.07 14.49 14.97
N GLU B 365 26.28 14.46 14.40
CA GLU B 365 26.61 15.31 13.26
C GLU B 365 25.79 14.93 12.02
N THR B 366 25.12 13.78 12.01
CA THR B 366 24.28 13.47 10.82
C THR B 366 22.91 14.14 10.80
N PHE B 367 22.42 14.65 11.93
CA PHE B 367 21.07 15.22 12.03
C PHE B 367 21.01 16.57 11.37
N PRO B 368 19.89 16.88 10.64
CA PRO B 368 19.65 18.18 10.03
C PRO B 368 19.68 19.22 11.14
N ILE B 369 19.98 20.48 10.83
CA ILE B 369 20.14 21.48 11.86
C ILE B 369 19.25 22.60 11.44
N ALA B 370 18.41 23.03 12.38
CA ALA B 370 17.40 24.00 12.16
C ALA B 370 18.00 25.27 11.64
N GLY B 371 17.47 25.68 10.50
CA GLY B 371 17.83 26.93 9.87
C GLY B 371 19.15 26.75 9.13
N VAL B 372 19.79 25.58 9.21
CA VAL B 372 21.13 25.51 8.63
C VAL B 372 21.16 24.51 7.47
N ASP B 373 20.88 23.20 7.72
CA ASP B 373 21.01 22.21 6.66
C ASP B 373 19.92 21.08 6.67
N GLY B 374 20.03 20.13 5.76
CA GLY B 374 19.18 18.98 5.73
C GLY B 374 17.73 19.40 5.47
N THR B 375 16.79 18.59 5.94
CA THR B 375 15.39 18.81 5.65
C THR B 375 14.77 19.82 6.59
N ILE B 376 15.54 20.39 7.55
CA ILE B 376 14.93 21.43 8.37
C ILE B 376 15.61 22.80 8.20
N SER B 377 16.35 22.97 7.11
CA SER B 377 17.04 24.24 6.88
C SER B 377 16.04 25.37 6.76
N GLY B 378 14.80 25.04 6.42
CA GLY B 378 13.78 26.05 6.38
C GLY B 378 12.50 25.73 7.14
N ARG B 379 12.52 24.81 8.07
CA ARG B 379 11.32 24.46 8.80
C ARG B 379 10.74 25.61 9.60
N GLY B 380 9.54 26.02 9.24
CA GLY B 380 8.88 27.17 9.82
C GLY B 380 8.87 27.35 11.34
N GLY B 381 8.61 26.27 12.10
CA GLY B 381 8.44 26.47 13.51
C GLY B 381 9.78 26.62 14.22
N LEU B 382 10.87 26.28 13.50
CA LEU B 382 12.20 26.19 14.10
C LEU B 382 13.17 27.30 13.68
N ILE B 383 12.68 28.31 12.99
CA ILE B 383 13.54 29.15 12.12
C ILE B 383 14.01 30.43 12.83
N SER B 384 13.49 30.67 14.04
CA SER B 384 13.88 31.80 14.87
C SER B 384 14.61 31.38 16.17
N PRO B 385 15.36 32.34 16.77
CA PRO B 385 15.95 32.04 18.10
C PRO B 385 14.78 31.77 19.06
N PRO B 386 15.02 31.03 20.12
CA PRO B 386 16.23 30.33 20.46
C PRO B 386 16.36 28.95 19.73
N LEU B 387 15.58 28.70 18.68
CA LEU B 387 15.56 27.30 18.14
C LEU B 387 16.51 27.15 16.95
N VAL B 388 16.63 28.23 16.19
CA VAL B 388 17.48 28.18 15.00
C VAL B 388 18.92 27.86 15.37
N LYS B 389 19.63 27.11 14.54
CA LYS B 389 21.01 26.71 14.85
C LYS B 389 21.13 25.96 16.13
N ASN B 390 20.01 25.59 16.76
CA ASN B 390 20.10 24.87 18.07
C ASN B 390 19.42 23.51 17.93
N VAL B 391 18.12 23.54 17.59
CA VAL B 391 17.44 22.24 17.32
C VAL B 391 18.08 21.43 16.20
N ILE B 392 18.44 20.18 16.49
CA ILE B 392 18.80 19.24 15.44
C ILE B 392 17.75 18.09 15.41
N ALA B 393 17.31 17.65 14.23
CA ALA B 393 16.21 16.68 14.20
C ALA B 393 16.08 15.97 12.87
N LYS B 394 15.87 14.63 12.93
CA LYS B 394 15.37 13.85 11.82
C LYS B 394 13.91 14.09 11.62
N THR B 395 13.54 14.44 10.39
CA THR B 395 12.14 14.61 10.00
C THR B 395 11.50 13.32 9.50
N GLY B 396 10.18 13.24 9.57
CA GLY B 396 9.48 12.19 8.86
C GLY B 396 8.13 12.78 8.39
N SER B 397 7.80 12.56 7.11
CA SER B 397 6.60 13.10 6.54
C SER B 397 5.93 12.06 5.66
N LEU B 398 4.60 11.87 5.78
CA LEU B 398 3.85 11.05 4.79
C LEU B 398 2.56 11.78 4.68
N LYS B 399 1.65 11.36 3.81
CA LYS B 399 0.30 11.91 3.85
C LYS B 399 -0.30 11.77 5.26
N GLY B 400 -0.69 12.87 5.86
CA GLY B 400 -1.22 12.84 7.25
C GLY B 400 -0.25 12.81 8.44
N VAL B 401 1.07 12.74 8.17
CA VAL B 401 2.03 12.49 9.25
C VAL B 401 3.15 13.54 9.25
N TYR B 402 3.40 14.25 10.39
CA TYR B 402 4.49 15.25 10.51
C TYR B 402 5.28 15.03 11.78
N ASN B 403 6.46 14.43 11.63
CA ASN B 403 7.21 14.01 12.76
C ASN B 403 8.59 14.69 12.86
N LEU B 404 9.13 14.75 14.10
CA LEU B 404 10.50 15.19 14.33
C LEU B 404 11.06 14.36 15.48
N ALA B 405 12.31 13.94 15.37
CA ALA B 405 12.98 13.25 16.44
C ALA B 405 14.44 13.79 16.52
N GLY B 406 14.89 14.28 17.68
CA GLY B 406 16.30 14.74 17.75
C GLY B 406 16.62 15.39 19.08
N PHE B 407 17.34 16.52 19.06
CA PHE B 407 17.96 17.04 20.28
C PHE B 407 17.97 18.56 20.19
N MET B 408 18.02 19.18 21.36
CA MET B 408 18.30 20.60 21.42
C MET B 408 18.97 20.96 22.76
N THR B 409 19.37 22.23 22.88
CA THR B 409 20.02 22.74 24.09
C THR B 409 19.01 23.63 24.73
N ASN B 410 18.73 23.42 26.01
CA ASN B 410 17.80 24.30 26.65
C ASN B 410 18.50 25.60 27.18
N ALA B 411 17.72 26.46 27.86
CA ALA B 411 18.23 27.79 28.25
C ALA B 411 19.29 27.60 29.35
N ARG B 412 19.51 26.38 29.80
CA ARG B 412 20.58 26.18 30.76
C ARG B 412 21.77 25.45 30.19
N GLY B 413 21.85 25.35 28.84
CA GLY B 413 22.88 24.53 28.14
C GLY B 413 22.84 23.04 28.51
N GLU B 414 21.70 22.55 29.00
CA GLU B 414 21.55 21.10 29.13
C GLU B 414 20.99 20.46 27.84
N LYS B 415 21.27 19.17 27.63
CA LYS B 415 20.75 18.56 26.41
C LYS B 415 19.33 17.92 26.68
N VAL B 416 18.43 18.13 25.73
CA VAL B 416 17.06 17.57 25.73
C VAL B 416 16.88 16.68 24.48
N ALA B 417 16.58 15.38 24.68
CA ALA B 417 16.22 14.54 23.55
C ALA B 417 14.68 14.59 23.44
N PHE B 418 14.11 14.46 22.21
CA PHE B 418 12.66 14.61 22.10
C PHE B 418 12.15 13.84 20.87
N VAL B 419 10.90 13.39 20.96
CA VAL B 419 10.26 12.75 19.79
C VAL B 419 8.92 13.36 19.67
N GLN B 420 8.60 13.79 18.45
CA GLN B 420 7.28 14.34 18.17
C GLN B 420 6.65 13.52 17.01
N PHE B 421 5.51 12.82 17.23
CA PHE B 421 4.87 12.08 16.14
C PHE B 421 3.48 12.71 16.06
N ILE B 422 3.12 13.19 14.87
CA ILE B 422 1.81 13.69 14.65
C ILE B 422 1.21 12.86 13.49
N ASN B 423 0.05 12.25 13.74
CA ASN B 423 -0.59 11.43 12.65
C ASN B 423 -2.01 11.94 12.49
N GLY B 424 -2.74 11.43 11.47
CA GLY B 424 -4.11 11.88 11.29
C GLY B 424 -4.25 13.36 10.99
N TYR B 425 -3.25 13.94 10.36
CA TYR B 425 -3.34 15.41 10.17
C TYR B 425 -3.99 15.65 8.83
N SER B 426 -5.09 16.36 8.81
CA SER B 426 -5.81 16.48 7.56
C SER B 426 -6.54 17.83 7.56
N THR B 427 -6.31 18.64 6.56
CA THR B 427 -6.90 20.01 6.54
C THR B 427 -7.64 20.29 5.21
N GLY B 428 -7.65 19.32 4.30
CA GLY B 428 -8.51 19.29 3.06
C GLY B 428 -9.05 17.88 2.65
N ASP B 429 -8.36 17.17 1.70
CA ASP B 429 -8.74 15.77 1.24
C ASP B 429 -7.57 15.09 0.46
N LEU B 430 -7.78 13.90 -0.15
CA LEU B 430 -6.73 13.31 -1.06
C LEU B 430 -6.45 14.24 -2.28
N GLU B 431 -5.19 14.71 -2.38
CA GLU B 431 -4.72 15.61 -3.45
C GLU B 431 -4.97 17.14 -3.19
N SER B 432 -5.04 17.53 -1.91
CA SER B 432 -5.04 18.96 -1.47
C SER B 432 -3.73 19.25 -0.72
N LYS B 433 -2.86 20.10 -1.28
CA LYS B 433 -1.65 20.50 -0.55
C LYS B 433 -2.06 20.94 0.88
N THR B 434 -1.34 20.45 1.88
CA THR B 434 -1.76 20.53 3.30
C THR B 434 -1.41 21.87 3.96
N LYS B 435 -2.39 22.57 4.55
CA LYS B 435 -2.09 23.77 5.34
C LYS B 435 -1.15 23.45 6.54
N ARG B 436 0.07 23.99 6.47
CA ARG B 436 1.14 23.69 7.43
C ARG B 436 1.19 24.70 8.60
N ALA B 437 0.42 25.78 8.50
CA ALA B 437 0.40 26.81 9.53
C ALA B 437 0.08 26.27 10.96
N PRO B 438 -0.92 25.38 11.11
CA PRO B 438 -1.07 24.95 12.52
C PRO B 438 0.13 24.11 12.99
N LEU B 439 0.81 23.45 12.06
CA LEU B 439 2.01 22.71 12.43
C LEU B 439 3.18 23.65 12.81
N VAL B 440 3.38 24.70 12.03
CA VAL B 440 4.42 25.70 12.31
C VAL B 440 4.16 26.24 13.70
N GLN B 441 2.90 26.58 13.99
CA GLN B 441 2.60 27.11 15.31
C GLN B 441 2.75 26.14 16.49
N PHE B 442 2.28 24.90 16.31
CA PHE B 442 2.48 23.88 17.34
C PHE B 442 4.00 23.71 17.68
N GLU B 443 4.80 23.59 16.62
CA GLU B 443 6.19 23.21 16.79
C GLU B 443 6.93 24.41 17.43
N ARG B 444 6.64 25.62 16.95
CA ARG B 444 7.28 26.82 17.50
C ARG B 444 7.03 26.85 18.98
N ASN B 445 5.74 26.75 19.37
CA ASN B 445 5.41 26.76 20.77
C ASN B 445 6.01 25.60 21.54
N LEU B 446 5.93 24.38 21.00
CA LEU B 446 6.46 23.21 21.73
C LEU B 446 7.96 23.34 22.04
N TYR B 447 8.73 23.69 21.01
CA TYR B 447 10.20 23.71 21.18
C TYR B 447 10.69 24.93 22.09
N ASN B 448 10.04 26.08 21.98
CA ASN B 448 10.16 27.15 22.98
C ASN B 448 9.85 26.70 24.44
N GLU B 449 8.77 25.95 24.60
CA GLU B 449 8.49 25.46 25.92
C GLU B 449 9.56 24.49 26.43
N LEU B 450 10.08 23.65 25.57
CA LEU B 450 11.13 22.72 26.02
C LEU B 450 12.43 23.54 26.23
N TYR B 451 12.57 24.59 25.46
CA TYR B 451 13.68 25.49 25.67
C TYR B 451 13.72 26.14 27.09
N LYS B 452 12.57 26.64 27.58
CA LYS B 452 12.48 27.39 28.86
C LYS B 452 12.25 26.50 30.02
N TYR B 453 11.62 25.36 29.82
CA TYR B 453 11.26 24.55 30.97
C TYR B 453 12.43 24.37 31.92
C8 AIX C . -8.08 -10.00 7.84
C5 AIX C . -8.54 -8.43 6.00
C6 AIX C . -13.03 -9.29 7.16
N1 AIX C . -10.98 -6.28 5.73
C2 AIX C . -14.19 -7.89 8.97
N3 AIX C . -13.91 -7.10 6.73
C4 AIX C . -8.69 -7.02 5.54
C1 AIX C . -14.23 -10.28 7.32
C3 AIX C . -10.06 -6.78 4.95
C7 AIX C . -8.23 -8.68 7.36
C9 AIX C . -8.25 -11.06 6.93
C10 AIX C . -8.55 -10.83 5.57
C11 AIX C . -8.71 -9.49 5.11
C12 AIX C . -13.31 -7.92 7.77
C13 AIX C . -13.33 -7.18 5.41
C14 AIX C . -12.34 -5.98 5.28
C15 AIX C . -12.91 -4.84 6.09
C16 AIX C . -11.80 -9.98 7.75
N2 AIX C . -7.73 -6.74 4.47
O1 AIX C . -15.41 -7.69 8.82
O2 AIX C . -13.67 -8.06 10.11
O3 AIX C . -10.28 -7.07 3.76
O4 AIX C . -12.53 -4.52 7.22
S1 AIX C . -12.69 -8.85 5.46
C8 AIX D . 6.24 14.03 0.96
C5 AIX D . 6.95 11.72 1.10
C6 AIX D . 10.71 13.73 2.97
N1 AIX D . 8.89 10.36 3.40
C2 AIX D . 10.90 14.16 5.51
N3 AIX D . 11.33 11.99 4.53
C4 AIX D . 6.98 10.47 1.88
C1 AIX D . 11.93 14.69 2.82
C3 AIX D . 8.39 10.07 2.18
C7 AIX D . 6.27 12.79 1.65
C9 AIX D . 6.94 14.14 -0.25
C10 AIX D . 7.62 13.06 -0.81
C11 AIX D . 7.66 11.82 -0.13
C12 AIX D . 10.54 13.21 4.40
C13 AIX D . 11.27 11.06 3.42
C14 AIX D . 10.23 9.96 3.84
C15 AIX D . 10.20 9.92 5.39
C16 AIX D . 9.51 14.49 2.48
N2 AIX D . 6.37 9.35 1.19
O1 AIX D . 12.02 13.97 6.06
O2 AIX D . 10.11 15.09 5.89
O3 AIX D . 9.01 9.45 1.34
O4 AIX D . 9.24 10.40 6.04
S1 AIX D . 10.96 12.20 2.09
#